data_3MG3
#
_entry.id   3MG3
#
_cell.length_a   82.683
_cell.length_b   82.683
_cell.length_c   86.571
_cell.angle_alpha   90.00
_cell.angle_beta   90.00
_cell.angle_gamma   120.00
#
_symmetry.space_group_name_H-M   'P 32'
#
loop_
_entity.id
_entity.type
_entity.pdbx_description
1 polymer 'Orange carotenoid-binding protein'
2 non-polymer beta,beta-caroten-4-one
3 non-polymer GLYCEROL
4 water water
#
_entity_poly.entity_id   1
_entity_poly.type   'polypeptide(L)'
_entity_poly.pdbx_seq_one_letter_code
;MPFTIDSARGIFPNTLAADVVPATIARFSQLNAEDQLALIWFAYLEMGKTLTIAAPGAASMQLAENALKEIQAMGPLQQT
QAMCDLANRADTPLCRTYASWSPNIKLGFWYRLGELMEQGFVAPIPAGYQLSANANAVLATIQGLESGQQITVLLNAVVD
MGFTAGKDGKRIAEPVVPPQDTASRTKVSIEGVTNATVLNYMDNLNANDFDTLIELFTSDGALQPPFQRPIVGKENVLRF
FREECQNLKLIPERGVTEPAEDGFTQIKVTGKVQTPWFGGNVGMNIAWRFLLNPEGKIFFVAIDLLASPKELLNFAVHHH
HHH
;
_entity_poly.pdbx_strand_id   A,B
#
loop_
_chem_comp.id
_chem_comp.type
_chem_comp.name
_chem_comp.formula
ECH non-polymer beta,beta-caroten-4-one 'C40 H54 O'
GOL non-polymer GLYCEROL 'C3 H8 O3'
#
# COMPACT_ATOMS: atom_id res chain seq x y z
N THR A 4 -6.11 14.78 19.10
CA THR A 4 -6.70 14.12 17.94
C THR A 4 -6.66 12.59 18.14
N ILE A 5 -7.62 11.88 17.56
CA ILE A 5 -7.44 10.44 17.34
C ILE A 5 -6.10 10.24 16.63
N ASP A 6 -5.84 11.03 15.60
CA ASP A 6 -4.63 10.75 14.81
C ASP A 6 -3.34 11.00 15.61
N SER A 7 -3.38 11.93 16.56
CA SER A 7 -2.16 12.22 17.33
C SER A 7 -1.90 11.08 18.32
N ALA A 8 -2.98 10.51 18.82
CA ALA A 8 -2.91 9.35 19.72
C ALA A 8 -2.25 8.11 19.08
N ARG A 9 -2.19 8.05 17.75
CA ARG A 9 -1.49 6.97 17.09
C ARG A 9 -0.02 6.91 17.52
N GLY A 10 0.46 7.99 18.11
CA GLY A 10 1.85 8.11 18.44
C GLY A 10 2.22 7.63 19.82
N ILE A 11 1.23 7.19 20.61
CA ILE A 11 1.54 6.74 21.99
C ILE A 11 2.41 5.49 21.99
N PHE A 12 3.21 5.31 23.06
CA PHE A 12 4.20 4.23 23.10
C PHE A 12 4.86 4.09 21.73
N PRO A 13 5.39 5.22 21.23
CA PRO A 13 5.80 5.33 19.83
C PRO A 13 6.81 4.31 19.53
N ASN A 14 7.51 3.81 20.56
CA ASN A 14 8.60 2.85 20.43
C ASN A 14 8.27 1.34 20.48
N THR A 15 7.00 1.07 20.39
CA THR A 15 6.55 -0.27 20.23
C THR A 15 7.05 -0.73 18.84
N LEU A 16 7.61 -1.93 18.79
CA LEU A 16 8.28 -2.40 17.60
C LEU A 16 7.32 -3.23 16.76
N ALA A 17 6.56 -2.54 15.89
CA ALA A 17 5.53 -3.21 15.08
C ALA A 17 6.21 -3.94 13.96
N ALA A 18 5.57 -5.01 13.49
CA ALA A 18 6.08 -5.82 12.39
C ALA A 18 5.78 -5.23 11.02
N ASP A 19 6.40 -4.07 10.71
CA ASP A 19 6.05 -3.42 9.47
C ASP A 19 6.60 -4.14 8.26
N VAL A 20 7.35 -5.23 8.50
CA VAL A 20 7.67 -6.14 7.39
C VAL A 20 6.38 -6.69 6.75
N VAL A 21 5.30 -6.80 7.53
CA VAL A 21 4.02 -7.28 6.96
C VAL A 21 3.42 -6.35 5.84
N PRO A 22 3.19 -5.05 6.12
CA PRO A 22 2.71 -4.18 5.05
C PRO A 22 3.79 -3.97 3.96
N ALA A 23 5.07 -4.05 4.31
CA ALA A 23 6.12 -3.93 3.31
C ALA A 23 5.94 -5.06 2.30
N THR A 24 5.75 -6.26 2.86
CA THR A 24 5.69 -7.47 2.04
C THR A 24 4.40 -7.47 1.19
N ILE A 25 3.31 -6.98 1.76
CA ILE A 25 2.05 -6.84 1.05
CA ILE A 25 2.08 -6.88 0.99
C ILE A 25 2.23 -5.85 -0.13
N ALA A 26 2.96 -4.75 0.12
CA ALA A 26 3.20 -3.82 -0.98
C ALA A 26 4.02 -4.41 -2.12
N ARG A 27 5.00 -5.22 -1.79
CA ARG A 27 5.77 -5.87 -2.85
C ARG A 27 4.87 -6.88 -3.60
N PHE A 28 4.10 -7.64 -2.83
CA PHE A 28 3.20 -8.64 -3.41
C PHE A 28 2.26 -7.97 -4.41
N SER A 29 1.74 -6.81 -4.00
CA SER A 29 0.73 -6.11 -4.79
C SER A 29 1.29 -5.61 -6.10
N GLN A 30 2.61 -5.50 -6.23
CA GLN A 30 3.21 -5.07 -7.50
C GLN A 30 3.20 -6.16 -8.56
N LEU A 31 3.08 -7.42 -8.12
CA LEU A 31 3.30 -8.55 -9.00
C LEU A 31 2.19 -8.68 -10.04
N ASN A 32 2.54 -9.32 -11.13
CA ASN A 32 1.57 -9.70 -12.12
C ASN A 32 0.52 -10.64 -11.51
N ALA A 33 -0.72 -10.56 -11.96
CA ALA A 33 -1.78 -11.32 -11.28
C ALA A 33 -1.55 -12.83 -11.25
N GLU A 34 -1.09 -13.43 -12.33
CA GLU A 34 -0.89 -14.86 -12.33
C GLU A 34 0.22 -15.24 -11.32
N ASP A 35 1.26 -14.41 -11.21
CA ASP A 35 2.29 -14.67 -10.21
C ASP A 35 1.74 -14.48 -8.81
N GLN A 36 0.86 -13.51 -8.60
CA GLN A 36 0.24 -13.36 -7.28
C GLN A 36 -0.50 -14.65 -6.91
N LEU A 37 -1.34 -15.15 -7.83
CA LEU A 37 -2.09 -16.36 -7.53
C LEU A 37 -1.17 -17.57 -7.33
N ALA A 38 -0.13 -17.70 -8.13
CA ALA A 38 0.74 -18.88 -7.99
C ALA A 38 1.51 -18.80 -6.67
N LEU A 39 1.98 -17.61 -6.35
CA LEU A 39 2.73 -17.39 -5.12
C LEU A 39 1.87 -17.82 -3.91
N ILE A 40 0.61 -17.40 -3.89
N ILE A 40 0.60 -17.41 -3.88
CA ILE A 40 -0.23 -17.77 -2.76
CA ILE A 40 -0.24 -17.78 -2.74
C ILE A 40 -0.46 -19.28 -2.79
C ILE A 40 -0.52 -19.29 -2.78
N TRP A 41 -0.72 -19.84 -3.97
CA TRP A 41 -0.88 -21.30 -4.10
C TRP A 41 0.33 -22.01 -3.49
N PHE A 42 1.54 -21.58 -3.86
CA PHE A 42 2.75 -22.16 -3.31
C PHE A 42 2.82 -22.01 -1.77
N ALA A 43 2.55 -20.81 -1.27
CA ALA A 43 2.67 -20.57 0.18
C ALA A 43 1.66 -21.44 0.91
N TYR A 44 0.47 -21.54 0.34
CA TYR A 44 -0.68 -22.29 0.91
CA TYR A 44 -0.61 -22.24 0.99
C TYR A 44 -0.32 -23.76 1.02
N LEU A 45 0.16 -24.31 -0.09
CA LEU A 45 0.57 -25.71 -0.10
C LEU A 45 1.69 -26.01 0.91
N GLU A 46 2.69 -25.14 1.01
CA GLU A 46 3.81 -25.46 1.89
C GLU A 46 3.41 -25.23 3.35
N MET A 47 2.61 -24.21 3.61
CA MET A 47 2.21 -23.93 4.99
C MET A 47 1.33 -25.08 5.45
N GLY A 48 0.55 -25.62 4.52
CA GLY A 48 -0.43 -26.65 4.86
C GLY A 48 0.23 -27.97 5.30
N LYS A 49 1.54 -28.09 5.12
CA LYS A 49 2.22 -29.30 5.58
C LYS A 49 2.36 -29.35 7.09
N THR A 50 2.29 -28.19 7.76
CA THR A 50 2.40 -28.13 9.23
C THR A 50 1.26 -27.39 9.92
N LEU A 51 0.45 -26.64 9.17
CA LEU A 51 -0.68 -25.88 9.74
C LEU A 51 -1.96 -26.17 8.97
N THR A 52 -3.03 -26.58 9.64
CA THR A 52 -4.30 -26.79 8.94
CA THR A 52 -4.30 -26.79 8.94
C THR A 52 -5.24 -25.61 9.19
N ILE A 53 -5.87 -25.10 8.11
CA ILE A 53 -6.82 -24.02 8.22
C ILE A 53 -8.15 -24.62 8.69
N ALA A 54 -8.77 -24.00 9.68
CA ALA A 54 -10.12 -24.39 10.11
C ALA A 54 -11.12 -24.28 8.96
N ALA A 55 -12.11 -25.15 8.96
CA ALA A 55 -13.13 -25.07 7.93
C ALA A 55 -13.93 -23.79 8.05
N PRO A 56 -14.26 -23.19 6.90
CA PRO A 56 -15.18 -22.05 6.91
C PRO A 56 -16.54 -22.44 7.52
N GLY A 57 -17.17 -21.50 8.20
CA GLY A 57 -18.49 -21.74 8.80
C GLY A 57 -19.58 -21.96 7.75
N ALA A 58 -20.66 -22.62 8.15
CA ALA A 58 -21.71 -22.94 7.19
C ALA A 58 -22.36 -21.71 6.59
N ALA A 59 -22.60 -20.69 7.41
CA ALA A 59 -23.27 -19.49 6.93
C ALA A 59 -22.39 -18.80 5.88
N SER A 60 -21.10 -18.74 6.16
CA SER A 60 -20.15 -18.16 5.22
C SER A 60 -20.20 -18.88 3.90
N MET A 61 -20.22 -20.21 3.95
CA MET A 61 -20.17 -20.98 2.70
C MET A 61 -21.43 -20.72 1.91
N GLN A 62 -22.58 -20.64 2.61
CA GLN A 62 -23.83 -20.39 1.91
CA GLN A 62 -23.84 -20.38 1.92
C GLN A 62 -23.79 -19.02 1.25
N LEU A 63 -23.15 -18.06 1.89
CA LEU A 63 -23.12 -16.70 1.35
C LEU A 63 -22.23 -16.61 0.10
N ALA A 64 -21.18 -17.42 0.03
CA ALA A 64 -20.30 -17.40 -1.11
C ALA A 64 -20.71 -18.43 -2.17
N GLU A 65 -21.74 -19.22 -1.87
CA GLU A 65 -22.13 -20.36 -2.70
CA GLU A 65 -22.09 -20.36 -2.71
C GLU A 65 -22.40 -19.99 -4.17
N ASN A 66 -23.20 -18.95 -4.38
CA ASN A 66 -23.55 -18.56 -5.75
C ASN A 66 -22.33 -18.16 -6.58
N ALA A 67 -21.40 -17.43 -5.97
CA ALA A 67 -20.21 -17.02 -6.71
C ALA A 67 -19.33 -18.23 -7.01
N LEU A 68 -19.21 -19.14 -6.04
CA LEU A 68 -18.40 -20.33 -6.26
CA LEU A 68 -18.43 -20.36 -6.22
C LEU A 68 -18.98 -21.19 -7.38
N LYS A 69 -20.30 -21.34 -7.42
CA LYS A 69 -20.93 -22.17 -8.44
C LYS A 69 -20.67 -21.61 -9.85
N GLU A 70 -20.73 -20.28 -9.94
CA GLU A 70 -20.52 -19.58 -11.20
C GLU A 70 -19.12 -19.88 -11.74
N ILE A 71 -18.11 -19.77 -10.87
CA ILE A 71 -16.76 -20.11 -11.27
C ILE A 71 -16.63 -21.59 -11.63
N GLN A 72 -17.23 -22.46 -10.82
CA GLN A 72 -17.10 -23.87 -11.12
C GLN A 72 -17.73 -24.23 -12.47
N ALA A 73 -18.70 -23.44 -12.92
CA ALA A 73 -19.40 -23.74 -14.17
C ALA A 73 -18.63 -23.27 -15.40
N MET A 74 -17.69 -22.35 -15.19
CA MET A 74 -16.90 -21.82 -16.28
C MET A 74 -15.94 -22.86 -16.80
N GLY A 75 -15.59 -22.76 -18.08
CA GLY A 75 -14.50 -23.55 -18.61
C GLY A 75 -13.20 -23.09 -17.98
N PRO A 76 -12.15 -23.92 -18.07
CA PRO A 76 -10.88 -23.65 -17.39
C PRO A 76 -10.24 -22.31 -17.76
N LEU A 77 -10.29 -21.87 -19.01
CA LEU A 77 -9.64 -20.60 -19.35
C LEU A 77 -10.38 -19.46 -18.66
N GLN A 78 -11.70 -19.55 -18.62
CA GLN A 78 -12.52 -18.52 -18.01
C GLN A 78 -12.35 -18.52 -16.50
N GLN A 79 -12.20 -19.68 -15.87
CA GLN A 79 -11.95 -19.71 -14.42
C GLN A 79 -10.64 -18.99 -14.10
N THR A 80 -9.60 -19.23 -14.88
CA THR A 80 -8.32 -18.63 -14.63
C THR A 80 -8.47 -17.12 -14.78
N GLN A 81 -9.21 -16.71 -15.81
CA GLN A 81 -9.46 -15.30 -16.00
C GLN A 81 -10.21 -14.61 -14.84
N ALA A 82 -11.19 -15.31 -14.29
CA ALA A 82 -11.95 -14.78 -13.13
C ALA A 82 -11.07 -14.60 -11.91
N MET A 83 -10.18 -15.56 -11.65
CA MET A 83 -9.27 -15.45 -10.52
CA MET A 83 -9.31 -15.43 -10.50
C MET A 83 -8.31 -14.27 -10.75
N CYS A 84 -7.86 -14.14 -11.99
CA CYS A 84 -7.00 -12.99 -12.32
C CYS A 84 -7.75 -11.67 -12.13
N ASP A 85 -9.04 -11.63 -12.51
CA ASP A 85 -9.80 -10.40 -12.35
C ASP A 85 -9.81 -10.02 -10.86
N LEU A 86 -9.99 -11.02 -9.98
CA LEU A 86 -10.00 -10.73 -8.55
C LEU A 86 -8.66 -10.14 -8.12
N ALA A 87 -7.57 -10.77 -8.54
CA ALA A 87 -6.24 -10.35 -8.11
C ALA A 87 -5.90 -8.95 -8.67
N ASN A 88 -6.38 -8.67 -9.88
CA ASN A 88 -6.16 -7.36 -10.50
C ASN A 88 -7.07 -6.27 -10.01
N ARG A 89 -8.05 -6.63 -9.19
CA ARG A 89 -9.03 -5.65 -8.74
C ARG A 89 -9.76 -5.05 -9.92
N ALA A 90 -10.02 -5.86 -10.93
CA ALA A 90 -10.75 -5.38 -12.11
C ALA A 90 -12.22 -5.14 -11.78
N ASP A 91 -12.91 -4.30 -12.56
CA ASP A 91 -14.32 -4.04 -12.29
C ASP A 91 -15.20 -5.02 -13.08
N THR A 92 -15.64 -6.07 -12.39
CA THR A 92 -16.58 -7.03 -12.95
C THR A 92 -17.62 -7.35 -11.88
N PRO A 93 -18.76 -7.96 -12.28
CA PRO A 93 -19.78 -8.32 -11.30
C PRO A 93 -19.25 -9.24 -10.20
N LEU A 94 -18.45 -10.23 -10.57
CA LEU A 94 -17.87 -11.12 -9.56
C LEU A 94 -16.99 -10.32 -8.61
N CYS A 95 -16.16 -9.43 -9.15
CA CYS A 95 -15.27 -8.61 -8.30
C CYS A 95 -16.05 -7.70 -7.38
N ARG A 96 -17.16 -7.17 -7.87
CA ARG A 96 -18.03 -6.35 -7.02
C ARG A 96 -18.69 -7.16 -5.92
N THR A 97 -19.11 -8.38 -6.24
CA THR A 97 -19.72 -9.23 -5.23
C THR A 97 -18.67 -9.53 -4.17
N TYR A 98 -17.50 -9.94 -4.63
CA TYR A 98 -16.40 -10.27 -3.68
C TYR A 98 -16.10 -9.10 -2.75
N ALA A 99 -16.03 -7.89 -3.30
CA ALA A 99 -15.73 -6.70 -2.50
C ALA A 99 -16.81 -6.40 -1.46
N SER A 100 -18.04 -6.90 -1.65
CA SER A 100 -19.11 -6.65 -0.66
C SER A 100 -18.96 -7.55 0.56
N TRP A 101 -18.11 -8.56 0.46
CA TRP A 101 -17.99 -9.56 1.51
C TRP A 101 -17.02 -9.17 2.66
N SER A 102 -17.33 -9.63 3.87
CA SER A 102 -16.42 -9.52 5.00
C SER A 102 -15.20 -10.40 4.77
N PRO A 103 -14.11 -10.15 5.51
CA PRO A 103 -12.91 -10.95 5.27
C PRO A 103 -13.16 -12.46 5.39
N ASN A 104 -13.97 -12.89 6.37
CA ASN A 104 -14.18 -14.30 6.54
C ASN A 104 -14.84 -14.97 5.32
N ILE A 105 -15.75 -14.25 4.67
CA ILE A 105 -16.44 -14.83 3.49
C ILE A 105 -15.44 -14.92 2.34
N LYS A 106 -14.62 -13.89 2.18
CA LYS A 106 -13.61 -13.93 1.12
C LYS A 106 -12.66 -15.11 1.39
N LEU A 107 -12.23 -15.28 2.64
CA LEU A 107 -11.32 -16.38 3.01
C LEU A 107 -11.99 -17.75 2.72
N GLY A 108 -13.28 -17.87 3.02
CA GLY A 108 -13.98 -19.14 2.84
C GLY A 108 -14.13 -19.46 1.35
N PHE A 109 -14.28 -18.41 0.55
CA PHE A 109 -14.39 -18.55 -0.92
C PHE A 109 -13.07 -19.14 -1.45
N TRP A 110 -11.94 -18.53 -1.09
CA TRP A 110 -10.67 -19.07 -1.51
C TRP A 110 -10.31 -20.45 -0.89
N TYR A 111 -10.75 -20.74 0.34
CA TYR A 111 -10.49 -22.04 0.94
C TYR A 111 -11.13 -23.11 0.05
N ARG A 112 -12.34 -22.84 -0.43
CA ARG A 112 -13.06 -23.84 -1.23
CA ARG A 112 -13.05 -23.82 -1.24
C ARG A 112 -12.43 -23.94 -2.62
N LEU A 113 -12.05 -22.81 -3.21
CA LEU A 113 -11.36 -22.90 -4.52
C LEU A 113 -10.03 -23.65 -4.39
N GLY A 114 -9.34 -23.49 -3.26
CA GLY A 114 -8.09 -24.21 -3.01
C GLY A 114 -8.32 -25.72 -3.00
N GLU A 115 -9.37 -26.14 -2.31
CA GLU A 115 -9.69 -27.56 -2.30
C GLU A 115 -9.98 -28.06 -3.72
N LEU A 116 -10.72 -27.26 -4.48
CA LEU A 116 -11.12 -27.70 -5.80
C LEU A 116 -9.92 -27.74 -6.74
N MET A 117 -8.98 -26.80 -6.57
CA MET A 117 -7.80 -26.80 -7.45
C MET A 117 -6.93 -28.02 -7.12
N GLU A 118 -6.82 -28.35 -5.84
CA GLU A 118 -6.09 -29.55 -5.41
C GLU A 118 -6.69 -30.77 -6.08
N GLN A 119 -8.01 -30.78 -6.21
CA GLN A 119 -8.71 -31.94 -6.77
C GLN A 119 -8.74 -31.91 -8.32
N GLY A 120 -8.38 -30.77 -8.91
CA GLY A 120 -8.41 -30.63 -10.37
C GLY A 120 -9.74 -30.23 -10.98
N PHE A 121 -10.71 -29.84 -10.16
CA PHE A 121 -12.05 -29.47 -10.65
C PHE A 121 -12.19 -27.99 -11.02
N VAL A 122 -11.20 -27.21 -10.61
CA VAL A 122 -11.11 -25.79 -10.95
C VAL A 122 -9.70 -25.61 -11.46
N ALA A 123 -9.53 -24.75 -12.48
CA ALA A 123 -8.28 -24.72 -13.21
C ALA A 123 -7.14 -24.47 -12.22
N PRO A 124 -6.16 -25.37 -12.18
CA PRO A 124 -5.07 -25.21 -11.20
C PRO A 124 -3.97 -24.30 -11.74
N ILE A 125 -3.03 -23.95 -10.86
CA ILE A 125 -1.83 -23.25 -11.32
C ILE A 125 -1.16 -24.19 -12.35
N PRO A 126 -0.70 -23.65 -13.49
CA PRO A 126 -0.12 -24.54 -14.52
C PRO A 126 0.99 -25.42 -13.95
N ALA A 127 1.08 -26.67 -14.39
CA ALA A 127 2.10 -27.59 -13.88
C ALA A 127 3.49 -27.03 -14.19
N GLY A 128 4.36 -27.05 -13.19
CA GLY A 128 5.75 -26.62 -13.37
C GLY A 128 5.91 -25.12 -13.39
N TYR A 129 4.88 -24.38 -12.99
CA TYR A 129 4.96 -22.92 -13.08
C TYR A 129 6.14 -22.40 -12.28
N GLN A 130 6.85 -21.43 -12.85
CA GLN A 130 7.92 -20.74 -12.14
C GLN A 130 7.57 -19.26 -11.94
N LEU A 131 7.77 -18.80 -10.72
CA LEU A 131 7.54 -17.40 -10.38
C LEU A 131 8.57 -16.47 -11.04
N SER A 132 8.14 -15.23 -11.25
CA SER A 132 9.07 -14.18 -11.71
C SER A 132 10.15 -13.89 -10.68
N ALA A 133 11.15 -13.14 -11.11
CA ALA A 133 12.25 -12.75 -10.21
C ALA A 133 11.73 -12.09 -8.96
N ASN A 134 10.92 -11.03 -9.09
CA ASN A 134 10.39 -10.31 -7.93
C ASN A 134 9.52 -11.24 -7.08
N ALA A 135 8.73 -12.12 -7.72
CA ALA A 135 7.77 -12.92 -7.01
C ALA A 135 8.49 -13.95 -6.13
N ASN A 136 9.55 -14.56 -6.66
CA ASN A 136 10.28 -15.55 -5.88
C ASN A 136 10.91 -14.92 -4.64
N ALA A 137 11.44 -13.69 -4.78
CA ALA A 137 11.92 -12.97 -3.62
C ALA A 137 10.83 -12.64 -2.59
N VAL A 138 9.63 -12.31 -3.06
CA VAL A 138 8.53 -12.03 -2.17
C VAL A 138 8.17 -13.31 -1.39
N LEU A 139 8.11 -14.43 -2.09
CA LEU A 139 7.75 -15.69 -1.40
C LEU A 139 8.84 -16.06 -0.39
N ALA A 140 10.11 -15.88 -0.76
CA ALA A 140 11.20 -16.13 0.21
C ALA A 140 11.02 -15.27 1.46
N THR A 141 10.69 -14.00 1.29
CA THR A 141 10.45 -13.14 2.44
C THR A 141 9.34 -13.72 3.35
N ILE A 142 8.24 -14.12 2.75
CA ILE A 142 7.07 -14.64 3.48
C ILE A 142 7.51 -15.87 4.23
N GLN A 143 8.22 -16.78 3.57
CA GLN A 143 8.56 -18.02 4.27
C GLN A 143 9.54 -17.84 5.44
N GLY A 144 10.25 -16.72 5.46
CA GLY A 144 11.14 -16.37 6.55
C GLY A 144 10.45 -15.72 7.77
N LEU A 145 9.19 -15.34 7.64
CA LEU A 145 8.47 -14.61 8.72
C LEU A 145 7.96 -15.59 9.78
N GLU A 146 7.70 -15.08 11.00
CA GLU A 146 6.95 -15.88 11.99
C GLU A 146 5.55 -16.33 11.44
N SER A 147 5.00 -17.44 11.94
CA SER A 147 3.73 -17.91 11.40
CA SER A 147 3.73 -17.91 11.41
C SER A 147 2.63 -16.86 11.55
N GLY A 148 2.64 -16.09 12.64
CA GLY A 148 1.56 -15.11 12.80
C GLY A 148 1.64 -14.02 11.75
N GLN A 149 2.88 -13.69 11.36
CA GLN A 149 3.07 -12.70 10.29
C GLN A 149 2.71 -13.29 8.89
N GLN A 150 3.01 -14.56 8.68
CA GLN A 150 2.64 -15.22 7.44
CA GLN A 150 2.66 -15.22 7.45
C GLN A 150 1.15 -15.19 7.22
N ILE A 151 0.37 -15.58 8.24
CA ILE A 151 -1.06 -15.59 8.02
C ILE A 151 -1.66 -14.19 7.86
N THR A 152 -1.00 -13.15 8.42
CA THR A 152 -1.48 -11.80 8.26
C THR A 152 -1.22 -11.31 6.84
N VAL A 153 -0.07 -11.67 6.30
CA VAL A 153 0.15 -11.40 4.88
C VAL A 153 -0.92 -12.07 4.00
N LEU A 154 -1.20 -13.35 4.20
CA LEU A 154 -2.20 -14.01 3.37
C LEU A 154 -3.56 -13.33 3.57
N LEU A 155 -3.92 -13.01 4.81
CA LEU A 155 -5.20 -12.36 5.07
C LEU A 155 -5.31 -11.06 4.26
N ASN A 156 -4.27 -10.23 4.32
CA ASN A 156 -4.35 -8.97 3.62
C ASN A 156 -4.40 -9.18 2.12
N ALA A 157 -3.64 -10.13 1.60
CA ALA A 157 -3.69 -10.39 0.14
C ALA A 157 -5.13 -10.75 -0.28
N VAL A 158 -5.80 -11.57 0.52
CA VAL A 158 -7.14 -12.01 0.19
C VAL A 158 -8.11 -10.83 0.29
N VAL A 159 -8.00 -10.06 1.37
CA VAL A 159 -8.93 -8.96 1.57
C VAL A 159 -8.81 -7.89 0.49
N ASP A 160 -7.60 -7.65 -0.02
CA ASP A 160 -7.37 -6.58 -0.99
C ASP A 160 -7.87 -6.89 -2.39
N MET A 161 -8.30 -8.13 -2.65
CA MET A 161 -8.77 -8.47 -3.98
C MET A 161 -10.19 -7.94 -4.25
N GLY A 162 -10.62 -7.97 -5.51
CA GLY A 162 -11.98 -7.57 -5.83
C GLY A 162 -12.05 -6.09 -6.16
N PHE A 163 -13.25 -5.56 -6.36
CA PHE A 163 -13.43 -4.17 -6.79
C PHE A 163 -14.52 -3.43 -6.02
N THR A 164 -14.14 -2.36 -5.34
CA THR A 164 -15.11 -1.52 -4.63
C THR A 164 -15.56 -0.35 -5.50
N LYS A 170 -23.20 -1.93 0.01
CA LYS A 170 -23.78 -3.15 0.55
C LYS A 170 -22.68 -4.01 1.18
N ARG A 171 -22.95 -4.51 2.38
CA ARG A 171 -21.94 -5.22 3.17
C ARG A 171 -22.53 -6.53 3.65
N ILE A 172 -21.89 -7.63 3.26
CA ILE A 172 -22.38 -8.97 3.56
CA ILE A 172 -22.38 -8.96 3.58
C ILE A 172 -21.42 -9.57 4.58
N ALA A 173 -21.95 -10.03 5.72
CA ALA A 173 -21.11 -10.65 6.73
C ALA A 173 -21.83 -11.84 7.33
N GLU A 174 -21.10 -12.67 8.08
CA GLU A 174 -21.74 -13.80 8.78
C GLU A 174 -22.65 -13.31 9.90
N PRO A 175 -23.64 -14.13 10.28
CA PRO A 175 -24.50 -13.76 11.42
C PRO A 175 -23.68 -13.56 12.71
N VAL A 176 -24.15 -12.70 13.59
CA VAL A 176 -23.50 -12.54 14.89
C VAL A 176 -23.82 -13.72 15.81
N VAL A 177 -22.80 -14.29 16.45
CA VAL A 177 -22.95 -15.41 17.39
C VAL A 177 -23.44 -14.84 18.74
N PRO A 178 -24.22 -15.61 19.51
CA PRO A 178 -24.68 -15.04 20.78
C PRO A 178 -23.53 -14.99 21.79
N PRO A 179 -23.52 -13.97 22.68
CA PRO A 179 -22.42 -13.88 23.63
C PRO A 179 -22.34 -15.13 24.49
N GLN A 180 -21.12 -15.47 24.93
CA GLN A 180 -20.91 -16.64 25.78
C GLN A 180 -21.74 -16.46 27.04
N ASP A 181 -22.42 -17.52 27.49
CA ASP A 181 -23.15 -17.42 28.76
C ASP A 181 -22.22 -17.03 29.90
N THR A 182 -22.70 -16.15 30.78
CA THR A 182 -21.85 -15.51 31.78
C THR A 182 -21.20 -16.49 32.77
N ALA A 183 -21.89 -17.57 33.12
CA ALA A 183 -21.35 -18.53 34.07
C ALA A 183 -20.12 -19.26 33.49
N SER A 184 -20.03 -19.26 32.16
CA SER A 184 -19.00 -19.98 31.44
C SER A 184 -17.73 -19.13 31.14
N ARG A 185 -17.82 -17.81 31.35
CA ARG A 185 -16.72 -16.93 30.94
C ARG A 185 -15.49 -17.10 31.82
N THR A 186 -14.31 -16.98 31.22
CA THR A 186 -13.08 -16.93 31.98
C THR A 186 -12.62 -15.48 32.04
N LYS A 187 -11.71 -15.17 32.95
CA LYS A 187 -11.21 -13.82 33.10
C LYS A 187 -9.73 -13.81 32.86
N VAL A 188 -9.24 -12.81 32.13
CA VAL A 188 -7.83 -12.68 31.95
C VAL A 188 -7.15 -12.10 33.22
N SER A 189 -5.85 -12.34 33.27
CA SER A 189 -4.99 -11.77 34.30
C SER A 189 -3.80 -11.14 33.57
N ILE A 190 -3.44 -9.91 33.91
CA ILE A 190 -2.35 -9.23 33.22
C ILE A 190 -1.37 -8.71 34.26
N GLU A 191 -0.12 -9.12 34.17
CA GLU A 191 0.87 -8.68 35.15
C GLU A 191 0.95 -7.17 35.11
N GLY A 192 0.84 -6.54 36.26
CA GLY A 192 1.04 -5.10 36.33
C GLY A 192 -0.21 -4.27 36.08
N VAL A 193 -1.27 -4.91 35.60
CA VAL A 193 -2.44 -4.15 35.14
C VAL A 193 -3.72 -4.63 35.79
N THR A 194 -4.33 -3.79 36.61
CA THR A 194 -5.62 -4.11 37.20
C THR A 194 -6.71 -3.16 36.66
N ASN A 195 -6.34 -2.29 35.70
CA ASN A 195 -7.31 -1.34 35.13
C ASN A 195 -8.61 -2.03 34.67
N ALA A 196 -9.74 -1.60 35.22
CA ALA A 196 -10.98 -2.31 34.95
C ALA A 196 -11.39 -2.22 33.49
N THR A 197 -11.11 -1.10 32.84
CA THR A 197 -11.53 -0.94 31.45
C THR A 197 -10.75 -1.92 30.56
N VAL A 198 -9.44 -2.04 30.78
CA VAL A 198 -8.59 -2.95 29.98
C VAL A 198 -9.05 -4.39 30.23
N LEU A 199 -9.28 -4.73 31.48
CA LEU A 199 -9.70 -6.10 31.80
C LEU A 199 -11.09 -6.41 31.21
N ASN A 200 -12.01 -5.45 31.29
CA ASN A 200 -13.34 -5.64 30.73
C ASN A 200 -13.26 -5.73 29.21
N TYR A 201 -12.34 -4.96 28.61
CA TYR A 201 -12.17 -5.03 27.16
C TYR A 201 -11.80 -6.46 26.76
N MET A 202 -10.77 -7.04 27.41
CA MET A 202 -10.27 -8.36 27.00
C MET A 202 -11.36 -9.39 27.25
N ASP A 203 -11.98 -9.28 28.41
CA ASP A 203 -12.93 -10.33 28.79
C ASP A 203 -14.19 -10.26 27.95
N ASN A 204 -14.67 -9.07 27.60
CA ASN A 204 -15.87 -9.06 26.78
C ASN A 204 -15.55 -9.49 25.34
N LEU A 205 -14.36 -9.18 24.87
CA LEU A 205 -14.06 -9.61 23.51
C LEU A 205 -13.93 -11.16 23.47
N ASN A 206 -13.30 -11.74 24.47
CA ASN A 206 -13.19 -13.20 24.55
C ASN A 206 -14.54 -13.90 24.68
N ALA A 207 -15.53 -13.17 25.15
CA ALA A 207 -16.89 -13.71 25.28
C ALA A 207 -17.81 -13.36 24.11
N ASN A 208 -17.26 -12.70 23.07
CA ASN A 208 -18.09 -12.19 21.96
C ASN A 208 -19.21 -11.27 22.41
N ASP A 209 -18.99 -10.55 23.51
CA ASP A 209 -20.04 -9.68 24.05
C ASP A 209 -19.86 -8.25 23.55
N PHE A 210 -20.20 -8.03 22.29
CA PHE A 210 -19.85 -6.77 21.63
C PHE A 210 -20.69 -5.59 22.12
N ASP A 211 -21.95 -5.82 22.47
CA ASP A 211 -22.76 -4.77 23.08
C ASP A 211 -22.19 -4.22 24.38
N THR A 212 -21.67 -5.09 25.24
CA THR A 212 -21.01 -4.60 26.45
C THR A 212 -19.67 -3.94 26.13
N LEU A 213 -18.97 -4.53 25.19
CA LEU A 213 -17.63 -4.05 24.83
C LEU A 213 -17.71 -2.62 24.32
N ILE A 214 -18.71 -2.34 23.49
CA ILE A 214 -18.75 -1.03 22.79
C ILE A 214 -19.04 0.05 23.84
N GLU A 215 -19.69 -0.33 24.91
CA GLU A 215 -19.98 0.61 25.98
C GLU A 215 -18.74 1.13 26.72
N LEU A 216 -17.57 0.51 26.50
CA LEU A 216 -16.33 0.96 27.15
C LEU A 216 -15.73 2.15 26.41
N PHE A 217 -16.25 2.41 25.20
CA PHE A 217 -15.68 3.48 24.34
C PHE A 217 -16.29 4.85 24.55
N THR A 218 -15.50 5.92 24.37
CA THR A 218 -16.10 7.25 24.22
C THR A 218 -16.91 7.28 22.91
N SER A 219 -17.85 8.22 22.79
CA SER A 219 -18.69 8.34 21.61
CA SER A 219 -18.69 8.27 21.62
C SER A 219 -17.87 8.49 20.36
N ASP A 220 -16.76 9.20 20.50
CA ASP A 220 -15.92 9.52 19.34
C ASP A 220 -14.68 8.64 19.32
N GLY A 221 -14.68 7.60 20.13
CA GLY A 221 -13.49 6.76 20.32
C GLY A 221 -13.14 5.96 19.09
N ALA A 222 -11.92 5.48 19.01
CA ALA A 222 -11.52 4.70 17.84
C ALA A 222 -10.77 3.43 18.19
N LEU A 223 -10.76 2.52 17.23
CA LEU A 223 -10.02 1.28 17.38
C LEU A 223 -9.20 1.13 16.11
N GLN A 224 -7.91 0.87 16.27
CA GLN A 224 -7.00 0.73 15.10
C GLN A 224 -6.46 -0.69 15.02
N PRO A 225 -6.96 -1.46 14.05
CA PRO A 225 -6.44 -2.82 13.84
C PRO A 225 -5.02 -2.78 13.28
N PRO A 226 -4.30 -3.91 13.34
CA PRO A 226 -2.91 -3.95 12.84
C PRO A 226 -2.77 -3.43 11.39
N PHE A 227 -1.93 -2.41 11.21
CA PHE A 227 -1.59 -1.87 9.91
C PHE A 227 -2.77 -1.21 9.18
N GLN A 228 -3.85 -0.90 9.88
CA GLN A 228 -4.99 -0.22 9.24
C GLN A 228 -5.19 1.15 9.87
N ARG A 229 -5.98 2.02 9.24
CA ARG A 229 -6.28 3.31 9.86
C ARG A 229 -7.31 3.14 11.01
N PRO A 230 -7.38 4.13 11.90
CA PRO A 230 -8.38 4.05 12.96
C PRO A 230 -9.79 3.97 12.40
N ILE A 231 -10.58 3.13 13.05
CA ILE A 231 -12.02 3.01 12.81
C ILE A 231 -12.67 3.88 13.89
N VAL A 232 -13.43 4.90 13.47
CA VAL A 232 -13.82 5.96 14.41
C VAL A 232 -15.32 5.99 14.72
N GLY A 233 -15.64 6.07 16.01
CA GLY A 233 -17.02 6.25 16.43
C GLY A 233 -17.68 4.93 16.78
N LYS A 234 -18.62 4.93 17.71
CA LYS A 234 -19.18 3.68 18.21
C LYS A 234 -19.88 2.88 17.10
N GLU A 235 -20.60 3.55 16.20
CA GLU A 235 -21.30 2.82 15.14
C GLU A 235 -20.29 1.99 14.35
N ASN A 236 -19.22 2.64 13.85
CA ASN A 236 -18.26 1.92 13.00
C ASN A 236 -17.49 0.83 13.75
N VAL A 237 -17.16 1.09 15.01
CA VAL A 237 -16.35 0.14 15.77
C VAL A 237 -17.23 -1.09 16.10
N LEU A 238 -18.48 -0.85 16.47
CA LEU A 238 -19.38 -1.99 16.73
C LEU A 238 -19.60 -2.83 15.47
N ARG A 239 -19.76 -2.18 14.31
CA ARG A 239 -19.90 -2.90 13.06
CA ARG A 239 -19.93 -2.95 13.07
C ARG A 239 -18.66 -3.78 12.84
N PHE A 240 -17.49 -3.19 13.08
CA PHE A 240 -16.25 -3.95 12.92
C PHE A 240 -16.20 -5.18 13.86
N PHE A 241 -16.59 -4.98 15.12
CA PHE A 241 -16.59 -6.10 16.08
C PHE A 241 -17.47 -7.23 15.52
N ARG A 242 -18.68 -6.87 15.10
CA ARG A 242 -19.67 -7.86 14.68
C ARG A 242 -19.30 -8.59 13.38
N GLU A 243 -18.63 -7.90 12.47
CA GLU A 243 -18.32 -8.46 11.14
C GLU A 243 -17.03 -9.29 11.15
N GLU A 244 -16.11 -8.93 12.03
CA GLU A 244 -14.71 -9.36 11.91
C GLU A 244 -14.09 -9.95 13.18
N CYS A 245 -14.67 -9.68 14.35
CA CYS A 245 -13.93 -9.92 15.59
C CYS A 245 -14.57 -11.05 16.42
N GLN A 246 -15.30 -11.95 15.78
CA GLN A 246 -15.89 -13.06 16.53
C GLN A 246 -14.88 -14.18 16.79
N ASN A 247 -15.01 -14.82 17.95
CA ASN A 247 -14.32 -16.08 18.27
C ASN A 247 -12.77 -15.96 18.39
N LEU A 248 -12.28 -14.77 18.73
CA LEU A 248 -10.85 -14.60 19.02
C LEU A 248 -10.59 -15.14 20.39
N LYS A 249 -9.32 -15.45 20.65
CA LYS A 249 -8.87 -15.69 21.99
C LYS A 249 -7.71 -14.76 22.29
N LEU A 250 -7.97 -13.80 23.17
CA LEU A 250 -6.95 -12.83 23.59
C LEU A 250 -6.28 -13.37 24.85
N ILE A 251 -4.96 -13.42 24.79
CA ILE A 251 -4.16 -13.94 25.90
C ILE A 251 -3.10 -12.91 26.32
N PRO A 252 -3.55 -11.81 26.94
CA PRO A 252 -2.63 -10.75 27.38
C PRO A 252 -1.75 -11.29 28.50
N GLU A 253 -0.51 -10.81 28.57
CA GLU A 253 0.45 -11.35 29.54
CA GLU A 253 0.46 -11.34 29.55
C GLU A 253 0.87 -10.27 30.55
N ARG A 254 1.29 -9.11 30.06
CA ARG A 254 1.77 -8.08 31.00
C ARG A 254 1.57 -6.69 30.42
N GLY A 255 1.63 -5.68 31.26
CA GLY A 255 1.42 -4.32 30.79
C GLY A 255 2.09 -3.24 31.62
N VAL A 256 1.91 -2.00 31.17
CA VAL A 256 2.51 -0.84 31.82
C VAL A 256 1.54 0.34 31.70
N THR A 257 1.46 1.13 32.76
CA THR A 257 0.39 2.16 32.91
C THR A 257 1.05 3.51 33.20
N GLU A 258 0.69 4.55 32.44
CA GLU A 258 1.35 5.83 32.56
C GLU A 258 0.32 6.93 32.40
N PRO A 259 0.61 8.07 33.02
CA PRO A 259 -0.28 9.21 32.77
C PRO A 259 -0.11 9.77 31.37
N ALA A 260 -1.17 10.40 30.86
CA ALA A 260 -1.14 11.05 29.56
C ALA A 260 -1.65 12.47 29.75
N GLU A 261 -1.78 13.22 28.66
CA GLU A 261 -2.21 14.62 28.75
C GLU A 261 -3.67 14.75 29.19
N ASP A 262 -4.03 15.94 29.68
CA ASP A 262 -5.43 16.22 30.04
C ASP A 262 -6.08 15.21 30.99
N GLY A 263 -5.32 14.63 31.92
CA GLY A 263 -5.86 13.69 32.90
C GLY A 263 -6.17 12.31 32.31
N PHE A 264 -5.72 12.04 31.10
CA PHE A 264 -5.90 10.71 30.49
C PHE A 264 -4.86 9.73 31.04
N THR A 265 -5.01 8.44 30.72
CA THR A 265 -4.02 7.43 31.12
C THR A 265 -3.71 6.60 29.89
N GLN A 266 -2.47 6.25 29.70
CA GLN A 266 -2.14 5.36 28.58
C GLN A 266 -1.60 4.04 29.11
N ILE A 267 -2.06 2.94 28.51
CA ILE A 267 -1.67 1.60 28.99
C ILE A 267 -1.26 0.77 27.79
N LYS A 268 -0.14 0.09 27.91
CA LYS A 268 0.30 -0.81 26.82
C LYS A 268 0.32 -2.21 27.38
N VAL A 269 -0.32 -3.15 26.69
CA VAL A 269 -0.34 -4.55 27.14
C VAL A 269 0.27 -5.41 26.04
N THR A 270 1.09 -6.40 26.37
CA THR A 270 1.54 -7.30 25.32
C THR A 270 1.12 -8.73 25.64
N GLY A 271 0.98 -9.54 24.61
CA GLY A 271 0.62 -10.93 24.83
C GLY A 271 0.41 -11.57 23.49
N LYS A 272 -0.50 -12.53 23.45
CA LYS A 272 -0.74 -13.33 22.24
C LYS A 272 -2.22 -13.30 21.90
N VAL A 273 -2.51 -13.50 20.62
CA VAL A 273 -3.90 -13.64 20.18
CA VAL A 273 -3.91 -13.70 20.22
C VAL A 273 -3.99 -14.85 19.23
N GLN A 274 -5.06 -15.63 19.35
CA GLN A 274 -5.35 -16.71 18.41
C GLN A 274 -6.61 -16.38 17.63
N THR A 275 -6.55 -16.67 16.34
CA THR A 275 -7.71 -16.51 15.45
C THR A 275 -8.37 -17.87 15.30
N PRO A 276 -9.72 -17.89 15.19
CA PRO A 276 -10.38 -19.17 15.01
C PRO A 276 -10.00 -19.88 13.73
N TRP A 277 -9.37 -19.19 12.78
CA TRP A 277 -8.91 -19.91 11.59
C TRP A 277 -7.80 -20.91 11.87
N PHE A 278 -7.04 -20.72 12.96
CA PHE A 278 -5.91 -21.59 13.28
C PHE A 278 -5.91 -22.09 14.71
N GLY A 279 -6.82 -21.61 15.53
CA GLY A 279 -6.90 -22.05 16.92
C GLY A 279 -5.56 -21.90 17.61
N GLY A 280 -5.19 -22.87 18.44
CA GLY A 280 -3.96 -22.75 19.19
C GLY A 280 -2.68 -23.02 18.40
N ASN A 281 -2.80 -23.31 17.10
CA ASN A 281 -1.65 -23.63 16.28
C ASN A 281 -0.87 -22.39 15.79
N VAL A 282 -1.50 -21.22 15.87
CA VAL A 282 -0.76 -19.97 15.62
C VAL A 282 -1.03 -18.97 16.76
N GLY A 283 0.01 -18.52 17.46
CA GLY A 283 -0.18 -17.47 18.46
C GLY A 283 0.49 -16.20 17.96
N MET A 284 -0.29 -15.19 17.56
CA MET A 284 0.32 -13.96 17.07
C MET A 284 0.80 -13.10 18.25
N ASN A 285 1.96 -12.46 18.10
CA ASN A 285 2.51 -11.57 19.13
C ASN A 285 1.91 -10.20 18.96
N ILE A 286 1.20 -9.72 19.97
CA ILE A 286 0.34 -8.52 19.84
C ILE A 286 0.59 -7.56 20.96
N ALA A 287 0.55 -6.26 20.65
CA ALA A 287 0.45 -5.24 21.71
C ALA A 287 -0.87 -4.50 21.54
N TRP A 288 -1.45 -4.13 22.68
CA TRP A 288 -2.57 -3.21 22.72
C TRP A 288 -2.08 -1.90 23.31
N ARG A 289 -2.46 -0.76 22.72
CA ARG A 289 -2.09 0.54 23.30
C ARG A 289 -3.40 1.27 23.53
N PHE A 290 -3.75 1.49 24.80
CA PHE A 290 -5.01 2.13 25.16
C PHE A 290 -4.73 3.56 25.60
N LEU A 291 -5.62 4.47 25.21
CA LEU A 291 -5.64 5.81 25.76
C LEU A 291 -7.05 5.96 26.38
N LEU A 292 -7.10 6.12 27.71
CA LEU A 292 -8.35 6.18 28.44
C LEU A 292 -8.58 7.61 28.98
N ASN A 293 -9.80 8.11 28.86
CA ASN A 293 -10.06 9.44 29.39
C ASN A 293 -10.18 9.38 30.90
N PRO A 294 -10.44 10.54 31.54
CA PRO A 294 -10.42 10.57 33.01
C PRO A 294 -11.49 9.70 33.67
N GLU A 295 -12.58 9.40 32.97
CA GLU A 295 -13.60 8.50 33.52
C GLU A 295 -13.32 7.02 33.22
N GLY A 296 -12.24 6.71 32.51
CA GLY A 296 -11.94 5.32 32.21
C GLY A 296 -12.45 4.83 30.84
N LYS A 297 -13.01 5.70 30.04
CA LYS A 297 -13.52 5.26 28.77
C LYS A 297 -12.41 5.24 27.73
N ILE A 298 -12.55 4.34 26.76
CA ILE A 298 -11.54 4.19 25.71
C ILE A 298 -11.72 5.27 24.64
N PHE A 299 -10.79 6.22 24.60
CA PHE A 299 -10.75 7.21 23.52
C PHE A 299 -10.05 6.61 22.29
N PHE A 300 -9.06 5.75 22.52
CA PHE A 300 -8.35 5.14 21.39
C PHE A 300 -7.73 3.84 21.85
N VAL A 301 -7.86 2.79 21.05
CA VAL A 301 -7.03 1.59 21.31
C VAL A 301 -6.45 1.12 19.99
N ALA A 302 -5.13 0.95 19.96
CA ALA A 302 -4.46 0.35 18.81
C ALA A 302 -4.05 -1.06 19.11
N ILE A 303 -4.14 -1.92 18.09
CA ILE A 303 -3.75 -3.33 18.24
C ILE A 303 -2.65 -3.51 17.22
N ASP A 304 -1.49 -3.94 17.68
CA ASP A 304 -0.30 -4.02 16.81
C ASP A 304 0.24 -5.44 16.76
N LEU A 305 0.61 -5.88 15.57
CA LEU A 305 1.35 -7.12 15.45
C LEU A 305 2.82 -6.77 15.65
N LEU A 306 3.48 -7.48 16.56
CA LEU A 306 4.84 -7.11 16.96
C LEU A 306 5.92 -7.80 16.12
N ALA A 307 7.05 -7.13 16.01
CA ALA A 307 8.11 -7.54 15.07
C ALA A 307 8.70 -8.88 15.34
N SER A 308 8.79 -9.22 16.61
CA SER A 308 9.20 -10.57 16.98
C SER A 308 8.79 -10.76 18.43
N PRO A 309 8.90 -11.98 18.96
CA PRO A 309 8.59 -12.19 20.38
C PRO A 309 9.49 -11.33 21.27
N LYS A 310 10.56 -10.80 20.70
CA LYS A 310 11.51 -9.98 21.48
C LYS A 310 10.91 -8.60 21.76
N GLU A 311 9.75 -8.32 21.17
CA GLU A 311 9.01 -7.07 21.42
C GLU A 311 7.98 -7.22 22.56
N LEU A 312 7.76 -8.46 23.02
CA LEU A 312 6.77 -8.73 24.08
C LEU A 312 7.25 -8.26 25.46
N PHE B 3 -5.65 -11.29 -25.21
CA PHE B 3 -5.11 -10.95 -23.89
C PHE B 3 -5.41 -9.49 -23.48
N THR B 4 -5.27 -9.21 -22.18
CA THR B 4 -5.71 -7.94 -21.61
C THR B 4 -4.55 -6.95 -21.35
N ILE B 5 -4.86 -5.69 -21.05
CA ILE B 5 -3.83 -4.79 -20.51
C ILE B 5 -3.23 -5.45 -19.28
N ASP B 6 -4.08 -6.00 -18.42
CA ASP B 6 -3.54 -6.50 -17.16
C ASP B 6 -2.62 -7.71 -17.34
N SER B 7 -2.87 -8.53 -18.35
CA SER B 7 -2.02 -9.70 -18.54
C SER B 7 -0.64 -9.28 -19.06
N ALA B 8 -0.65 -8.22 -19.88
CA ALA B 8 0.58 -7.65 -20.41
C ALA B 8 1.54 -7.13 -19.31
N ARG B 9 1.04 -6.91 -18.10
CA ARG B 9 1.92 -6.49 -17.02
C ARG B 9 2.99 -7.55 -16.74
N GLY B 10 2.78 -8.74 -17.27
CA GLY B 10 3.62 -9.87 -16.94
C GLY B 10 4.76 -10.06 -17.92
N ILE B 11 4.85 -9.23 -18.97
CA ILE B 11 5.92 -9.38 -19.97
C ILE B 11 7.29 -9.09 -19.36
N PHE B 12 8.32 -9.75 -19.90
CA PHE B 12 9.66 -9.70 -19.34
C PHE B 12 9.57 -9.80 -17.80
N PRO B 13 8.92 -10.89 -17.35
CA PRO B 13 8.55 -11.02 -15.94
C PRO B 13 9.77 -11.05 -15.04
N ASN B 14 10.95 -11.18 -15.62
CA ASN B 14 12.16 -11.30 -14.82
C ASN B 14 13.01 -10.04 -14.70
N THR B 15 12.42 -8.97 -15.14
CA THR B 15 12.97 -7.66 -14.95
C THR B 15 12.99 -7.45 -13.42
N LEU B 16 14.12 -6.98 -12.89
CA LEU B 16 14.29 -6.89 -11.45
C LEU B 16 13.94 -5.48 -10.96
N ALA B 17 12.64 -5.28 -10.69
CA ALA B 17 12.15 -3.95 -10.28
C ALA B 17 12.54 -3.72 -8.84
N ALA B 18 12.77 -2.45 -8.55
CA ALA B 18 13.12 -1.98 -7.21
C ALA B 18 11.93 -1.93 -6.23
N ASP B 19 11.36 -3.11 -5.90
CA ASP B 19 10.18 -3.09 -5.08
C ASP B 19 10.48 -2.73 -3.63
N VAL B 20 11.77 -2.52 -3.30
CA VAL B 20 12.12 -1.91 -2.02
C VAL B 20 11.48 -0.52 -1.92
N VAL B 21 11.24 0.15 -3.05
CA VAL B 21 10.62 1.47 -2.98
C VAL B 21 9.15 1.46 -2.44
N PRO B 22 8.22 0.68 -3.05
CA PRO B 22 6.87 0.59 -2.48
C PRO B 22 6.88 -0.08 -1.09
N ALA B 23 7.83 -0.97 -0.82
CA ALA B 23 7.93 -1.62 0.49
C ALA B 23 8.18 -0.52 1.53
N THR B 24 9.12 0.34 1.17
CA THR B 24 9.58 1.37 2.08
C THR B 24 8.48 2.43 2.27
N ILE B 25 7.74 2.74 1.20
CA ILE B 25 6.62 3.67 1.25
CA ILE B 25 6.65 3.68 1.31
C ILE B 25 5.54 3.10 2.18
N ALA B 26 5.30 1.77 2.07
CA ALA B 26 4.32 1.15 2.95
C ALA B 26 4.69 1.23 4.42
N ARG B 27 5.95 1.02 4.74
CA ARG B 27 6.39 1.16 6.13
C ARG B 27 6.25 2.61 6.58
N PHE B 28 6.68 3.54 5.73
CA PHE B 28 6.61 4.95 6.05
C PHE B 28 5.18 5.32 6.39
N SER B 29 4.25 4.77 5.61
CA SER B 29 2.83 5.18 5.72
C SER B 29 2.24 4.70 7.04
N GLN B 30 2.88 3.75 7.70
CA GLN B 30 2.37 3.25 8.97
C GLN B 30 2.67 4.22 10.09
N LEU B 31 3.67 5.10 9.90
CA LEU B 31 4.19 5.88 11.00
C LEU B 31 3.21 6.96 11.47
N ASN B 32 3.41 7.40 12.69
CA ASN B 32 2.68 8.52 13.23
C ASN B 32 2.99 9.77 12.42
N ALA B 33 2.03 10.66 12.24
CA ALA B 33 2.24 11.79 11.32
C ALA B 33 3.44 12.67 11.68
N GLU B 34 3.62 12.98 12.95
CA GLU B 34 4.75 13.81 13.31
C GLU B 34 6.09 13.13 13.01
N ASP B 35 6.15 11.80 13.18
CA ASP B 35 7.36 11.08 12.79
C ASP B 35 7.54 11.06 11.29
N GLN B 36 6.45 10.94 10.53
CA GLN B 36 6.55 11.04 9.06
C GLN B 36 7.18 12.38 8.67
N LEU B 37 6.67 13.48 9.23
CA LEU B 37 7.19 14.78 8.85
C LEU B 37 8.64 14.94 9.33
N ALA B 38 8.98 14.47 10.52
CA ALA B 38 10.35 14.65 10.99
C ALA B 38 11.31 13.80 10.14
N LEU B 39 10.86 12.59 9.81
CA LEU B 39 11.70 11.67 9.03
C LEU B 39 12.03 12.34 7.68
N ILE B 40 11.04 12.94 7.04
CA ILE B 40 11.32 13.54 5.73
C ILE B 40 12.19 14.78 5.92
N TRP B 41 11.94 15.54 7.00
CA TRP B 41 12.82 16.66 7.31
C TRP B 41 14.27 16.20 7.44
N PHE B 42 14.50 15.13 8.20
CA PHE B 42 15.85 14.61 8.35
C PHE B 42 16.43 14.16 7.00
N ALA B 43 15.63 13.45 6.20
CA ALA B 43 16.13 12.89 4.95
C ALA B 43 16.48 14.03 4.02
N TYR B 44 15.64 15.07 4.02
CA TYR B 44 15.79 16.26 3.13
CA TYR B 44 15.81 16.22 3.14
C TYR B 44 17.05 17.02 3.52
N LEU B 45 17.24 17.25 4.80
CA LEU B 45 18.43 17.95 5.28
C LEU B 45 19.71 17.19 4.90
N GLU B 46 19.72 15.87 5.10
CA GLU B 46 20.96 15.13 4.83
C GLU B 46 21.20 14.99 3.33
N MET B 47 20.15 14.79 2.54
CA MET B 47 20.33 14.62 1.10
C MET B 47 20.81 15.93 0.53
N GLY B 48 20.33 17.02 1.10
CA GLY B 48 20.67 18.37 0.65
C GLY B 48 22.15 18.74 0.78
N LYS B 49 22.90 17.92 1.52
CA LYS B 49 24.33 18.13 1.65
C LYS B 49 25.08 17.86 0.36
N THR B 50 24.53 16.99 -0.48
CA THR B 50 25.20 16.67 -1.75
C THR B 50 24.31 16.77 -2.98
N LEU B 51 23.02 16.96 -2.79
CA LEU B 51 22.09 17.02 -3.94
C LEU B 51 21.18 18.24 -3.78
N THR B 52 21.16 19.18 -4.73
CA THR B 52 20.26 20.32 -4.61
CA THR B 52 20.26 20.33 -4.61
C THR B 52 19.02 20.15 -5.48
N ILE B 53 17.84 20.44 -4.90
CA ILE B 53 16.58 20.35 -5.61
C ILE B 53 16.48 21.59 -6.49
N ALA B 54 16.07 21.40 -7.73
CA ALA B 54 15.78 22.53 -8.61
C ALA B 54 14.64 23.38 -8.04
N ALA B 55 14.68 24.67 -8.32
CA ALA B 55 13.58 25.52 -7.86
C ALA B 55 12.29 25.17 -8.57
N PRO B 56 11.17 25.23 -7.85
CA PRO B 56 9.85 25.08 -8.46
C PRO B 56 9.61 26.17 -9.50
N GLY B 57 8.89 25.83 -10.56
CA GLY B 57 8.52 26.78 -11.61
C GLY B 57 7.64 27.91 -11.09
N ALA B 58 7.69 29.06 -11.77
CA ALA B 58 6.90 30.20 -11.32
C ALA B 58 5.39 29.91 -11.30
N ALA B 59 4.88 29.21 -12.32
CA ALA B 59 3.46 28.96 -12.40
C ALA B 59 3.03 28.06 -11.23
N SER B 60 3.88 27.07 -10.96
CA SER B 60 3.63 26.17 -9.84
C SER B 60 3.50 26.95 -8.54
N MET B 61 4.44 27.87 -8.31
CA MET B 61 4.43 28.57 -7.03
C MET B 61 3.21 29.47 -6.96
N GLN B 62 2.79 29.99 -8.11
CA GLN B 62 1.62 30.85 -8.09
C GLN B 62 0.40 30.04 -7.75
N LEU B 63 0.35 28.81 -8.23
CA LEU B 63 -0.82 27.97 -7.96
C LEU B 63 -0.92 27.54 -6.49
N ALA B 64 0.24 27.39 -5.83
CA ALA B 64 0.24 26.95 -4.43
C ALA B 64 0.24 28.14 -3.47
N GLU B 65 0.36 29.34 -4.03
CA GLU B 65 0.58 30.55 -3.22
C GLU B 65 -0.49 30.79 -2.15
N ASN B 66 -1.77 30.65 -2.50
CA ASN B 66 -2.82 30.93 -1.51
C ASN B 66 -2.73 29.96 -0.32
N ALA B 67 -2.47 28.69 -0.61
CA ALA B 67 -2.37 27.70 0.46
C ALA B 67 -1.14 27.99 1.32
N LEU B 68 -0.03 28.36 0.68
CA LEU B 68 1.16 28.65 1.46
C LEU B 68 0.92 29.85 2.38
N LYS B 69 0.29 30.90 1.85
CA LYS B 69 0.04 32.10 2.65
C LYS B 69 -0.78 31.76 3.88
N GLU B 70 -1.79 30.92 3.67
CA GLU B 70 -2.71 30.53 4.72
C GLU B 70 -1.95 29.87 5.87
N ILE B 71 -1.09 28.92 5.53
CA ILE B 71 -0.25 28.28 6.54
C ILE B 71 0.70 29.29 7.19
N GLN B 72 1.34 30.14 6.39
CA GLN B 72 2.28 31.07 7.01
C GLN B 72 1.60 32.03 8.00
N ALA B 73 0.29 32.27 7.81
CA ALA B 73 -0.44 33.22 8.67
C ALA B 73 -0.86 32.60 9.99
N MET B 74 -0.86 31.26 10.05
CA MET B 74 -1.23 30.54 11.28
C MET B 74 -0.19 30.69 12.37
N GLY B 75 -0.64 30.57 13.61
CA GLY B 75 0.27 30.48 14.73
C GLY B 75 1.00 29.15 14.63
N PRO B 76 2.08 29.01 15.38
CA PRO B 76 2.93 27.81 15.23
C PRO B 76 2.20 26.49 15.52
N LEU B 77 1.31 26.43 16.50
CA LEU B 77 0.70 25.14 16.84
C LEU B 77 -0.21 24.78 15.70
N GLN B 78 -0.87 25.78 15.13
CA GLN B 78 -1.80 25.53 14.05
C GLN B 78 -1.04 25.14 12.78
N GLN B 79 0.13 25.73 12.54
CA GLN B 79 0.93 25.30 11.36
C GLN B 79 1.28 23.82 11.48
N THR B 80 1.71 23.41 12.68
CA THR B 80 2.12 22.03 12.87
C THR B 80 0.92 21.11 12.64
N GLN B 81 -0.23 21.52 13.15
CA GLN B 81 -1.45 20.74 12.95
C GLN B 81 -1.86 20.62 11.48
N ALA B 82 -1.66 21.67 10.71
CA ALA B 82 -2.00 21.63 9.27
C ALA B 82 -1.08 20.66 8.55
N MET B 83 0.20 20.67 8.90
CA MET B 83 1.13 19.74 8.23
C MET B 83 0.79 18.30 8.66
N CYS B 84 0.43 18.12 9.92
CA CYS B 84 -0.02 16.79 10.34
C CYS B 84 -1.30 16.36 9.60
N ASP B 85 -2.24 17.27 9.36
CA ASP B 85 -3.47 16.91 8.65
C ASP B 85 -3.10 16.38 7.25
N LEU B 86 -2.12 17.02 6.61
CA LEU B 86 -1.72 16.58 5.28
C LEU B 86 -1.18 15.15 5.35
N ALA B 87 -0.30 14.91 6.31
CA ALA B 87 0.37 13.61 6.41
C ALA B 87 -0.66 12.53 6.78
N ASN B 88 -1.65 12.89 7.59
CA ASN B 88 -2.71 11.96 8.01
C ASN B 88 -3.78 11.73 6.97
N ARG B 89 -3.75 12.50 5.90
CA ARG B 89 -4.79 12.41 4.88
C ARG B 89 -6.13 12.75 5.52
N ALA B 90 -6.12 13.70 6.45
CA ALA B 90 -7.36 14.14 7.10
C ALA B 90 -8.25 14.91 6.12
N ASP B 91 -9.56 14.92 6.35
CA ASP B 91 -10.46 15.65 5.47
C ASP B 91 -10.60 17.09 5.95
N THR B 92 -9.84 17.99 5.33
CA THR B 92 -9.93 19.42 5.62
C THR B 92 -9.87 20.20 4.32
N PRO B 93 -10.24 21.49 4.35
CA PRO B 93 -10.19 22.25 3.10
C PRO B 93 -8.79 22.32 2.50
N LEU B 94 -7.79 22.54 3.33
CA LEU B 94 -6.42 22.57 2.84
C LEU B 94 -6.04 21.22 2.26
N CYS B 95 -6.41 20.11 2.93
CA CYS B 95 -6.09 18.79 2.39
C CYS B 95 -6.77 18.50 1.07
N ARG B 96 -7.99 19.01 0.90
CA ARG B 96 -8.69 18.84 -0.35
C ARG B 96 -8.03 19.65 -1.45
N THR B 97 -7.59 20.84 -1.12
CA THR B 97 -6.91 21.67 -2.11
C THR B 97 -5.63 20.96 -2.54
N TYR B 98 -4.88 20.50 -1.55
CA TYR B 98 -3.61 19.80 -1.84
C TYR B 98 -3.86 18.60 -2.74
N ALA B 99 -4.91 17.83 -2.46
CA ALA B 99 -5.25 16.64 -3.27
C ALA B 99 -5.61 16.96 -4.72
N SER B 100 -6.02 18.21 -5.02
CA SER B 100 -6.39 18.58 -6.39
C SER B 100 -5.15 18.90 -7.23
N TRP B 101 -3.99 19.01 -6.58
CA TRP B 101 -2.77 19.43 -7.26
C TRP B 101 -2.00 18.27 -7.93
N SER B 102 -1.34 18.58 -9.04
CA SER B 102 -0.42 17.62 -9.67
C SER B 102 0.81 17.42 -8.77
N PRO B 103 1.57 16.35 -9.00
CA PRO B 103 2.72 16.11 -8.11
C PRO B 103 3.70 17.33 -8.04
N ASN B 104 3.96 17.98 -9.17
CA ASN B 104 4.89 19.09 -9.14
C ASN B 104 4.42 20.23 -8.23
N ILE B 105 3.13 20.49 -8.20
CA ILE B 105 2.63 21.60 -7.35
C ILE B 105 2.76 21.19 -5.89
N LYS B 106 2.46 19.93 -5.59
CA LYS B 106 2.62 19.46 -4.21
C LYS B 106 4.10 19.56 -3.83
N LEU B 107 5.00 19.15 -4.72
CA LEU B 107 6.43 19.20 -4.40
C LEU B 107 6.89 20.64 -4.16
N GLY B 108 6.37 21.58 -4.97
CA GLY B 108 6.81 22.96 -4.86
C GLY B 108 6.30 23.59 -3.56
N PHE B 109 5.13 23.12 -3.11
CA PHE B 109 4.52 23.59 -1.85
C PHE B 109 5.45 23.18 -0.70
N TRP B 110 5.86 21.92 -0.68
CA TRP B 110 6.77 21.48 0.37
C TRP B 110 8.20 22.06 0.26
N TYR B 111 8.69 22.29 -0.95
CA TYR B 111 9.99 22.94 -1.13
C TYR B 111 9.97 24.29 -0.44
N ARG B 112 8.88 25.05 -0.60
CA ARG B 112 8.83 26.39 0.00
C ARG B 112 8.66 26.28 1.53
N LEU B 113 7.85 25.34 2.01
CA LEU B 113 7.74 25.18 3.48
C LEU B 113 9.08 24.75 4.07
N GLY B 114 9.84 23.94 3.33
CA GLY B 114 11.16 23.49 3.75
C GLY B 114 12.09 24.70 3.95
N GLU B 115 12.09 25.59 2.98
CA GLU B 115 12.90 26.80 3.11
C GLU B 115 12.46 27.62 4.34
N LEU B 116 11.16 27.75 4.53
CA LEU B 116 10.66 28.58 5.62
C LEU B 116 10.98 27.95 6.97
N MET B 117 10.96 26.62 7.02
CA MET B 117 11.28 25.93 8.29
C MET B 117 12.75 26.11 8.60
N GLU B 118 13.62 26.02 7.58
CA GLU B 118 15.05 26.25 7.77
C GLU B 118 15.27 27.66 8.30
N GLN B 119 14.41 28.57 7.90
CA GLN B 119 14.57 29.98 8.27
C GLN B 119 13.90 30.32 9.61
N GLY B 120 13.07 29.42 10.14
CA GLY B 120 12.36 29.65 11.39
C GLY B 120 11.01 30.38 11.27
N PHE B 121 10.54 30.59 10.05
CA PHE B 121 9.29 31.35 9.82
C PHE B 121 8.02 30.49 9.82
N VAL B 122 8.20 29.19 9.72
CA VAL B 122 7.11 28.22 9.82
C VAL B 122 7.58 27.21 10.85
N ALA B 123 6.66 26.70 11.67
CA ALA B 123 7.05 25.93 12.84
C ALA B 123 7.92 24.77 12.40
N PRO B 124 9.15 24.71 12.93
CA PRO B 124 10.08 23.65 12.51
C PRO B 124 9.82 22.34 13.28
N ILE B 125 10.46 21.26 12.85
CA ILE B 125 10.46 20.06 13.67
C ILE B 125 11.06 20.46 15.01
N PRO B 126 10.47 20.00 16.14
CA PRO B 126 10.99 20.43 17.46
C PRO B 126 12.47 20.13 17.60
N ALA B 127 13.23 21.01 18.22
CA ALA B 127 14.67 20.82 18.39
C ALA B 127 14.94 19.56 19.17
N GLY B 128 15.92 18.77 18.71
CA GLY B 128 16.30 17.52 19.37
C GLY B 128 15.31 16.38 19.19
N TYR B 129 14.39 16.50 18.23
CA TYR B 129 13.38 15.45 18.06
C TYR B 129 14.04 14.10 17.77
N GLN B 130 13.55 13.04 18.40
CA GLN B 130 14.02 11.69 18.13
C GLN B 130 12.87 10.90 17.48
N LEU B 131 13.17 10.20 16.40
CA LEU B 131 12.20 9.35 15.75
C LEU B 131 11.85 8.12 16.58
N SER B 132 10.65 7.60 16.35
CA SER B 132 10.22 6.32 16.92
C SER B 132 11.08 5.17 16.45
N ALA B 133 10.93 4.04 17.11
CA ALA B 133 11.71 2.85 16.73
C ALA B 133 11.50 2.49 15.29
N ASN B 134 10.24 2.37 14.85
CA ASN B 134 9.95 2.01 13.46
C ASN B 134 10.47 3.10 12.51
N ALA B 135 10.35 4.36 12.93
CA ALA B 135 10.65 5.46 12.03
C ALA B 135 12.17 5.51 11.76
N ASN B 136 12.98 5.30 12.79
CA ASN B 136 14.43 5.30 12.58
C ASN B 136 14.86 4.18 11.63
N ALA B 137 14.25 3.00 11.76
CA ALA B 137 14.51 1.94 10.81
C ALA B 137 14.12 2.27 9.37
N VAL B 138 13.00 2.98 9.19
CA VAL B 138 12.57 3.36 7.87
C VAL B 138 13.59 4.35 7.29
N LEU B 139 14.02 5.32 8.10
CA LEU B 139 14.98 6.30 7.57
C LEU B 139 16.31 5.62 7.25
N ALA B 140 16.75 4.67 8.09
CA ALA B 140 17.96 3.87 7.74
C ALA B 140 17.82 3.17 6.39
N THR B 141 16.67 2.57 6.15
CA THR B 141 16.45 1.93 4.86
C THR B 141 16.61 2.91 3.71
N ILE B 142 15.97 4.07 3.84
CA ILE B 142 15.99 5.09 2.80
C ILE B 142 17.43 5.53 2.56
N GLN B 143 18.19 5.79 3.62
CA GLN B 143 19.56 6.26 3.39
C GLN B 143 20.51 5.24 2.77
N GLY B 144 20.13 3.96 2.83
CA GLY B 144 20.84 2.88 2.17
C GLY B 144 20.53 2.69 0.69
N LEU B 145 19.49 3.36 0.18
CA LEU B 145 19.05 3.18 -1.22
C LEU B 145 19.89 4.02 -2.19
N GLU B 146 19.94 3.61 -3.46
CA GLU B 146 20.50 4.48 -4.50
C GLU B 146 19.74 5.83 -4.55
N SER B 147 20.40 6.89 -5.02
CA SER B 147 19.75 8.20 -5.01
CA SER B 147 19.75 8.20 -5.03
C SER B 147 18.45 8.20 -5.83
N GLY B 148 18.40 7.47 -6.93
CA GLY B 148 17.17 7.47 -7.74
C GLY B 148 16.01 6.85 -6.97
N GLN B 149 16.32 5.85 -6.14
CA GLN B 149 15.29 5.23 -5.30
C GLN B 149 14.89 6.17 -4.12
N GLN B 150 15.86 6.88 -3.55
CA GLN B 150 15.55 7.83 -2.50
CA GLN B 150 15.57 7.83 -2.49
C GLN B 150 14.59 8.90 -2.96
N ILE B 151 14.85 9.51 -4.13
CA ILE B 151 13.98 10.56 -4.56
C ILE B 151 12.58 10.04 -4.93
N THR B 152 12.48 8.76 -5.33
CA THR B 152 11.20 8.18 -5.67
C THR B 152 10.36 7.91 -4.39
N VAL B 153 11.03 7.49 -3.33
CA VAL B 153 10.37 7.40 -2.03
C VAL B 153 9.83 8.77 -1.61
N LEU B 154 10.65 9.82 -1.71
CA LEU B 154 10.17 11.12 -1.28
C LEU B 154 8.99 11.59 -2.14
N LEU B 155 9.09 11.39 -3.45
CA LEU B 155 8.01 11.75 -4.35
C LEU B 155 6.72 11.09 -3.93
N ASN B 156 6.76 9.78 -3.72
CA ASN B 156 5.53 9.09 -3.33
C ASN B 156 5.00 9.55 -1.99
N ALA B 157 5.88 9.78 -1.03
CA ALA B 157 5.42 10.28 0.28
C ALA B 157 4.67 11.63 0.12
N VAL B 158 5.21 12.52 -0.70
CA VAL B 158 4.59 13.81 -0.95
C VAL B 158 3.25 13.65 -1.68
N VAL B 159 3.24 12.80 -2.72
CA VAL B 159 2.02 12.67 -3.53
C VAL B 159 0.88 12.08 -2.72
N ASP B 160 1.19 11.16 -1.80
CA ASP B 160 0.17 10.46 -1.06
C ASP B 160 -0.52 11.29 0.01
N MET B 161 -0.01 12.49 0.29
CA MET B 161 -0.61 13.29 1.35
C MET B 161 -1.91 13.96 0.89
N GLY B 162 -2.65 14.54 1.84
CA GLY B 162 -3.87 15.25 1.48
C GLY B 162 -5.08 14.31 1.41
N PHE B 163 -6.21 14.84 0.95
CA PHE B 163 -7.49 14.10 1.01
C PHE B 163 -8.29 14.19 -0.28
N THR B 164 -8.56 13.04 -0.90
CA THR B 164 -9.41 13.00 -2.09
C THR B 164 -10.84 12.65 -1.70
N LYS B 170 -11.72 18.03 -9.57
CA LYS B 170 -10.97 19.17 -10.13
C LYS B 170 -9.48 18.88 -10.08
N ARG B 171 -8.78 19.22 -11.16
CA ARG B 171 -7.36 18.88 -11.28
C ARG B 171 -6.56 20.11 -11.67
N ILE B 172 -5.59 20.46 -10.84
CA ILE B 172 -4.82 21.68 -11.08
C ILE B 172 -3.41 21.24 -11.44
N ALA B 173 -2.91 21.68 -12.59
CA ALA B 173 -1.55 21.34 -13.01
C ALA B 173 -0.88 22.55 -13.64
N GLU B 174 0.44 22.49 -13.82
CA GLU B 174 1.15 23.57 -14.50
C GLU B 174 0.77 23.65 -15.98
N PRO B 175 0.91 24.84 -16.57
CA PRO B 175 0.69 24.98 -18.02
C PRO B 175 1.57 24.03 -18.82
N VAL B 176 1.08 23.59 -19.96
CA VAL B 176 1.87 22.73 -20.84
C VAL B 176 2.89 23.56 -21.61
N VAL B 177 4.14 23.12 -21.63
CA VAL B 177 5.24 23.83 -22.29
C VAL B 177 5.16 23.54 -23.80
N PRO B 178 5.59 24.48 -24.65
CA PRO B 178 5.52 24.20 -26.09
C PRO B 178 6.57 23.15 -26.46
N PRO B 179 6.27 22.27 -27.43
CA PRO B 179 7.24 21.24 -27.77
C PRO B 179 8.52 21.85 -28.28
N GLN B 180 9.62 21.12 -28.18
CA GLN B 180 10.92 21.63 -28.59
C GLN B 180 10.91 21.85 -30.09
N ASP B 181 11.50 22.96 -30.55
CA ASP B 181 11.52 23.19 -32.01
C ASP B 181 12.23 22.04 -32.75
N THR B 182 11.64 21.64 -33.86
CA THR B 182 12.10 20.49 -34.63
C THR B 182 13.61 20.49 -34.90
N ALA B 183 14.16 21.65 -35.26
CA ALA B 183 15.59 21.76 -35.57
C ALA B 183 16.47 21.39 -34.38
N SER B 184 16.05 21.81 -33.20
CA SER B 184 16.81 21.58 -31.96
C SER B 184 16.81 20.13 -31.44
N ARG B 185 15.88 19.29 -31.89
CA ARG B 185 15.75 17.97 -31.26
C ARG B 185 16.95 17.07 -31.47
N THR B 186 17.33 16.34 -30.44
CA THR B 186 18.35 15.30 -30.57
C THR B 186 17.62 13.98 -30.73
N LYS B 187 18.30 12.95 -31.22
CA LYS B 187 17.67 11.64 -31.39
C LYS B 187 18.41 10.61 -30.57
N VAL B 188 17.69 9.70 -29.92
CA VAL B 188 18.35 8.67 -29.14
C VAL B 188 18.88 7.54 -30.03
N SER B 189 19.83 6.81 -29.47
CA SER B 189 20.36 5.63 -30.14
C SER B 189 20.30 4.51 -29.13
N ILE B 190 19.76 3.35 -29.51
CA ILE B 190 19.60 2.24 -28.57
C ILE B 190 20.27 0.98 -29.15
N GLU B 191 21.24 0.43 -28.43
CA GLU B 191 21.91 -0.76 -28.95
C GLU B 191 20.92 -1.86 -29.16
N GLY B 192 20.94 -2.48 -30.34
CA GLY B 192 20.03 -3.59 -30.58
C GLY B 192 18.64 -3.24 -31.09
N VAL B 193 18.25 -1.98 -31.00
CA VAL B 193 16.87 -1.59 -31.27
C VAL B 193 16.74 -0.48 -32.31
N THR B 194 16.16 -0.80 -33.46
CA THR B 194 15.89 0.19 -34.49
C THR B 194 14.38 0.43 -34.61
N ASN B 195 13.58 -0.24 -33.76
CA ASN B 195 12.12 -0.13 -33.84
C ASN B 195 11.65 1.34 -33.86
N ALA B 196 10.96 1.72 -34.95
CA ALA B 196 10.59 3.12 -35.11
C ALA B 196 9.67 3.62 -34.02
N THR B 197 8.75 2.78 -33.55
CA THR B 197 7.81 3.22 -32.54
C THR B 197 8.57 3.54 -31.23
N VAL B 198 9.51 2.66 -30.85
CA VAL B 198 10.29 2.84 -29.61
C VAL B 198 11.14 4.12 -29.73
N LEU B 199 11.84 4.27 -30.84
CA LEU B 199 12.65 5.46 -31.05
C LEU B 199 11.80 6.74 -31.05
N ASN B 200 10.64 6.70 -31.72
CA ASN B 200 9.78 7.88 -31.75
C ASN B 200 9.22 8.18 -30.36
N TYR B 201 8.92 7.14 -29.60
CA TYR B 201 8.45 7.34 -28.24
C TYR B 201 9.49 8.13 -27.45
N MET B 202 10.74 7.69 -27.47
CA MET B 202 11.78 8.31 -26.66
C MET B 202 12.00 9.72 -27.17
N ASP B 203 12.07 9.87 -28.48
CA ASP B 203 12.42 11.19 -29.03
C ASP B 203 11.30 12.21 -28.81
N ASN B 204 10.04 11.81 -28.96
CA ASN B 204 8.97 12.79 -28.73
C ASN B 204 8.84 13.12 -27.25
N LEU B 205 9.10 12.16 -26.38
CA LEU B 205 9.00 12.51 -24.98
C LEU B 205 10.13 13.49 -24.58
N ASN B 206 11.34 13.25 -25.07
CA ASN B 206 12.46 14.16 -24.83
C ASN B 206 12.21 15.56 -25.40
N ALA B 207 11.31 15.65 -26.36
CA ALA B 207 10.98 16.95 -26.96
C ALA B 207 9.72 17.59 -26.39
N ASN B 208 9.14 16.97 -25.36
CA ASN B 208 7.83 17.40 -24.85
C ASN B 208 6.75 17.45 -25.91
N ASP B 209 6.87 16.59 -26.91
CA ASP B 209 5.88 16.60 -28.01
C ASP B 209 4.75 15.58 -27.74
N PHE B 210 3.86 15.95 -26.84
CA PHE B 210 2.89 14.97 -26.33
C PHE B 210 1.80 14.64 -27.35
N ASP B 211 1.45 15.59 -28.20
CA ASP B 211 0.45 15.30 -29.25
C ASP B 211 0.98 14.28 -30.27
N THR B 212 2.26 14.34 -30.61
CA THR B 212 2.81 13.31 -31.48
C THR B 212 2.97 11.98 -30.75
N LEU B 213 3.41 12.07 -29.51
CA LEU B 213 3.65 10.88 -28.70
C LEU B 213 2.37 10.04 -28.55
N ILE B 214 1.25 10.71 -28.29
CA ILE B 214 0.00 9.97 -27.99
C ILE B 214 -0.47 9.21 -29.22
N GLU B 215 -0.12 9.71 -30.38
CA GLU B 215 -0.52 9.03 -31.60
CA GLU B 215 -0.43 9.08 -31.67
C GLU B 215 0.21 7.71 -31.88
N LEU B 216 1.22 7.38 -31.05
CA LEU B 216 1.90 6.08 -31.15
C LEU B 216 1.08 4.99 -30.48
N PHE B 217 0.11 5.39 -29.66
CA PHE B 217 -0.70 4.43 -28.87
C PHE B 217 -1.92 3.85 -29.59
N THR B 218 -2.31 2.63 -29.24
CA THR B 218 -3.63 2.14 -29.65
C THR B 218 -4.68 2.92 -28.88
N SER B 219 -5.92 2.93 -29.36
CA SER B 219 -6.99 3.67 -28.70
CA SER B 219 -6.95 3.71 -28.69
C SER B 219 -7.17 3.23 -27.27
N ASP B 220 -6.96 1.95 -27.03
CA ASP B 220 -7.19 1.38 -25.71
C ASP B 220 -5.87 1.15 -25.00
N GLY B 221 -4.80 1.73 -25.53
CA GLY B 221 -3.45 1.48 -25.02
C GLY B 221 -3.22 2.00 -23.62
N ALA B 222 -2.23 1.44 -22.94
CA ALA B 222 -1.99 1.88 -21.56
C ALA B 222 -0.51 2.18 -21.30
N LEU B 223 -0.26 3.00 -20.29
CA LEU B 223 1.11 3.31 -19.89
C LEU B 223 1.11 3.10 -18.39
N GLN B 224 2.09 2.33 -17.91
CA GLN B 224 2.20 2.05 -16.45
C GLN B 224 3.46 2.66 -15.89
N PRO B 225 3.29 3.72 -15.07
CA PRO B 225 4.48 4.34 -14.45
C PRO B 225 5.03 3.45 -13.35
N PRO B 226 6.25 3.73 -12.86
CA PRO B 226 6.85 2.88 -11.82
C PRO B 226 5.94 2.70 -10.58
N PHE B 227 5.64 1.45 -10.26
CA PHE B 227 4.90 1.08 -9.06
C PHE B 227 3.46 1.59 -9.04
N GLN B 228 2.93 1.98 -10.21
CA GLN B 228 1.52 2.41 -10.26
CA GLN B 228 1.54 2.45 -10.29
C GLN B 228 0.70 1.52 -11.18
N ARG B 229 -0.62 1.61 -11.10
CA ARG B 229 -1.42 0.80 -12.03
C ARG B 229 -1.40 1.41 -13.45
N PRO B 230 -1.73 0.59 -14.45
CA PRO B 230 -1.77 1.14 -15.81
C PRO B 230 -2.77 2.27 -15.89
N ILE B 231 -2.37 3.28 -16.63
CA ILE B 231 -3.23 4.40 -17.06
C ILE B 231 -3.74 4.05 -18.45
N VAL B 232 -5.06 3.96 -18.59
CA VAL B 232 -5.63 3.32 -19.76
C VAL B 232 -6.40 4.26 -20.70
N GLY B 233 -6.08 4.20 -21.98
CA GLY B 233 -6.80 4.96 -23.00
C GLY B 233 -6.11 6.28 -23.32
N LYS B 234 -6.25 6.74 -24.56
CA LYS B 234 -5.47 7.89 -25.00
C LYS B 234 -5.79 9.15 -24.17
N GLU B 235 -7.06 9.37 -23.80
CA GLU B 235 -7.41 10.56 -23.04
C GLU B 235 -6.61 10.58 -21.74
N ASN B 236 -6.66 9.48 -20.99
CA ASN B 236 -5.96 9.44 -19.70
C ASN B 236 -4.44 9.52 -19.82
N VAL B 237 -3.88 8.88 -20.85
CA VAL B 237 -2.43 8.82 -20.97
C VAL B 237 -1.96 10.20 -21.40
N LEU B 238 -2.70 10.85 -22.31
CA LEU B 238 -2.28 12.22 -22.72
C LEU B 238 -2.35 13.22 -21.55
N ARG B 239 -3.41 13.11 -20.74
CA ARG B 239 -3.52 13.94 -19.54
C ARG B 239 -2.30 13.71 -18.65
N PHE B 240 -1.93 12.45 -18.46
CA PHE B 240 -0.74 12.15 -17.64
C PHE B 240 0.53 12.79 -18.21
N PHE B 241 0.71 12.67 -19.51
CA PHE B 241 1.90 13.26 -20.15
C PHE B 241 1.93 14.76 -19.83
N ARG B 242 0.80 15.45 -20.07
CA ARG B 242 0.75 16.90 -19.93
C ARG B 242 0.90 17.39 -18.49
N GLU B 243 0.40 16.62 -17.52
CA GLU B 243 0.41 17.02 -16.11
C GLU B 243 1.73 16.69 -15.41
N GLU B 244 2.38 15.62 -15.87
CA GLU B 244 3.45 14.97 -15.08
C GLU B 244 4.75 14.71 -15.82
N CYS B 245 4.74 14.73 -17.14
CA CYS B 245 5.87 14.16 -17.89
C CYS B 245 6.67 15.22 -18.66
N GLN B 246 6.60 16.48 -18.23
CA GLN B 246 7.35 17.51 -18.93
C GLN B 246 8.83 17.55 -18.51
N ASN B 247 9.68 17.84 -19.49
CA ASN B 247 11.09 18.15 -19.26
C ASN B 247 11.94 16.99 -18.69
N LEU B 248 11.54 15.76 -18.98
CA LEU B 248 12.38 14.61 -18.66
C LEU B 248 13.51 14.50 -19.66
N LYS B 249 14.55 13.80 -19.27
CA LYS B 249 15.56 13.39 -20.23
C LYS B 249 15.69 11.90 -20.17
N LEU B 250 15.25 11.24 -21.24
CA LEU B 250 15.35 9.78 -21.35
C LEU B 250 16.67 9.43 -22.06
N ILE B 251 17.43 8.55 -21.42
CA ILE B 251 18.73 8.14 -21.97
C ILE B 251 18.79 6.61 -22.07
N PRO B 252 18.04 6.04 -23.05
CA PRO B 252 17.99 4.58 -23.22
C PRO B 252 19.35 4.13 -23.73
N GLU B 253 19.78 2.94 -23.30
CA GLU B 253 21.11 2.43 -23.68
C GLU B 253 21.02 1.21 -24.60
N ARG B 254 20.21 0.21 -24.23
CA ARG B 254 20.20 -1.02 -25.03
C ARG B 254 18.87 -1.71 -24.87
N GLY B 255 18.56 -2.64 -25.77
CA GLY B 255 17.28 -3.32 -25.71
C GLY B 255 17.29 -4.70 -26.34
N VAL B 256 16.15 -5.38 -26.25
CA VAL B 256 15.98 -6.70 -26.82
C VAL B 256 14.56 -6.78 -27.35
N THR B 257 14.41 -7.47 -28.49
CA THR B 257 13.13 -7.47 -29.23
C THR B 257 12.70 -8.91 -29.48
N GLU B 258 11.44 -9.23 -29.14
CA GLU B 258 10.98 -10.60 -29.23
C GLU B 258 9.55 -10.64 -29.77
N PRO B 259 9.20 -11.73 -30.46
CA PRO B 259 7.79 -11.86 -30.82
C PRO B 259 6.88 -12.11 -29.61
N ALA B 260 5.62 -11.68 -29.71
CA ALA B 260 4.64 -11.94 -28.66
C ALA B 260 3.42 -12.57 -29.30
N GLU B 261 2.38 -12.81 -28.50
CA GLU B 261 1.20 -13.51 -29.01
C GLU B 261 0.46 -12.69 -30.09
N ASP B 262 -0.30 -13.36 -30.95
CA ASP B 262 -1.16 -12.65 -31.90
C ASP B 262 -0.43 -11.66 -32.84
N GLY B 263 0.80 -11.95 -33.23
CA GLY B 263 1.53 -11.09 -34.15
C GLY B 263 2.07 -9.80 -33.51
N PHE B 264 1.98 -9.72 -32.19
CA PHE B 264 2.52 -8.57 -31.46
C PHE B 264 4.05 -8.72 -31.31
N THR B 265 4.74 -7.66 -30.87
CA THR B 265 6.17 -7.73 -30.57
C THR B 265 6.38 -7.13 -29.19
N GLN B 266 7.26 -7.73 -28.41
CA GLN B 266 7.56 -7.12 -27.11
C GLN B 266 9.03 -6.69 -27.11
N ILE B 267 9.29 -5.52 -26.56
CA ILE B 267 10.64 -4.95 -26.55
C ILE B 267 10.93 -4.45 -25.16
N LYS B 268 12.11 -4.78 -24.65
CA LYS B 268 12.52 -4.25 -23.34
C LYS B 268 13.75 -3.38 -23.57
N VAL B 269 13.74 -2.16 -23.04
CA VAL B 269 14.88 -1.24 -23.19
C VAL B 269 15.35 -0.85 -21.82
N THR B 270 16.66 -0.79 -21.58
CA THR B 270 17.11 -0.29 -20.29
C THR B 270 18.00 0.93 -20.45
N GLY B 271 18.05 1.76 -19.43
CA GLY B 271 18.89 2.94 -19.54
C GLY B 271 18.65 3.79 -18.31
N LYS B 272 18.82 5.10 -18.47
CA LYS B 272 18.68 6.02 -17.34
C LYS B 272 17.69 7.11 -17.70
N VAL B 273 17.10 7.72 -16.68
CA VAL B 273 16.20 8.86 -16.89
CA VAL B 273 16.24 8.88 -16.90
C VAL B 273 16.58 9.92 -15.86
N GLN B 274 16.51 11.19 -16.26
CA GLN B 274 16.73 12.30 -15.35
C GLN B 274 15.45 13.11 -15.27
N THR B 275 15.14 13.55 -14.04
CA THR B 275 13.98 14.40 -13.80
C THR B 275 14.47 15.83 -13.69
N PRO B 276 13.66 16.79 -14.19
CA PRO B 276 14.08 18.19 -14.06
C PRO B 276 14.23 18.66 -12.62
N TRP B 277 13.73 17.90 -11.66
CA TRP B 277 13.98 18.30 -10.26
C TRP B 277 15.43 18.17 -9.83
N PHE B 278 16.19 17.31 -10.50
CA PHE B 278 17.60 17.06 -10.15
C PHE B 278 18.58 17.14 -11.30
N GLY B 279 18.07 17.27 -12.52
CA GLY B 279 18.95 17.37 -13.66
C GLY B 279 19.90 16.20 -13.73
N GLY B 280 21.14 16.45 -14.14
CA GLY B 280 22.07 15.35 -14.32
C GLY B 280 22.67 14.84 -13.01
N ASN B 281 22.25 15.39 -11.88
CA ASN B 281 22.74 14.96 -10.58
C ASN B 281 22.13 13.64 -10.07
N VAL B 282 21.01 13.23 -10.64
CA VAL B 282 20.46 11.91 -10.30
C VAL B 282 20.08 11.18 -11.59
N GLY B 283 20.72 10.05 -11.86
CA GLY B 283 20.28 9.26 -13.03
C GLY B 283 19.52 8.03 -12.54
N MET B 284 18.21 7.94 -12.76
CA MET B 284 17.50 6.78 -12.27
C MET B 284 17.69 5.61 -13.26
N ASN B 285 17.83 4.39 -12.73
CA ASN B 285 17.97 3.20 -13.57
C ASN B 285 16.61 2.68 -13.94
N ILE B 286 16.31 2.64 -15.25
CA ILE B 286 14.92 2.44 -15.74
C ILE B 286 14.88 1.36 -16.79
N ALA B 287 13.81 0.55 -16.77
CA ALA B 287 13.50 -0.28 -17.93
C ALA B 287 12.16 0.16 -18.48
N TRP B 288 12.06 0.09 -19.80
CA TRP B 288 10.78 0.23 -20.51
C TRP B 288 10.41 -1.12 -21.08
N ARG B 289 9.15 -1.52 -20.93
CA ARG B 289 8.73 -2.79 -21.53
C ARG B 289 7.55 -2.46 -22.44
N PHE B 290 7.73 -2.60 -23.76
CA PHE B 290 6.70 -2.24 -24.73
C PHE B 290 6.05 -3.50 -25.26
N LEU B 291 4.73 -3.45 -25.45
CA LEU B 291 4.06 -4.48 -26.22
C LEU B 291 3.40 -3.74 -27.39
N LEU B 292 3.84 -4.03 -28.62
CA LEU B 292 3.40 -3.35 -29.83
C LEU B 292 2.49 -4.27 -30.65
N ASN B 293 1.44 -3.72 -31.22
CA ASN B 293 0.56 -4.54 -32.06
C ASN B 293 1.19 -4.73 -33.45
N PRO B 294 0.50 -5.47 -34.32
CA PRO B 294 1.10 -5.79 -35.61
C PRO B 294 1.36 -4.55 -36.46
N GLU B 295 0.65 -3.45 -36.23
CA GLU B 295 0.93 -2.25 -36.99
C GLU B 295 1.99 -1.37 -36.34
N GLY B 296 2.54 -1.78 -35.20
CA GLY B 296 3.57 -0.97 -34.55
C GLY B 296 3.03 0.00 -33.50
N LYS B 297 1.75 -0.11 -33.17
CA LYS B 297 1.18 0.81 -32.20
C LYS B 297 1.42 0.28 -30.79
N ILE B 298 1.54 1.20 -29.83
CA ILE B 298 1.80 0.81 -28.45
C ILE B 298 0.47 0.38 -27.79
N PHE B 299 0.33 -0.91 -27.51
CA PHE B 299 -0.82 -1.41 -26.74
C PHE B 299 -0.53 -1.24 -25.24
N PHE B 300 0.74 -1.38 -24.86
CA PHE B 300 1.08 -1.28 -23.43
C PHE B 300 2.54 -0.88 -23.32
N VAL B 301 2.84 0.09 -22.48
CA VAL B 301 4.25 0.30 -22.12
C VAL B 301 4.35 0.44 -20.61
N ALA B 302 5.23 -0.38 -20.00
CA ALA B 302 5.53 -0.20 -18.57
C ALA B 302 6.88 0.45 -18.37
N ILE B 303 6.98 1.32 -17.36
CA ILE B 303 8.25 2.00 -17.06
C ILE B 303 8.59 1.55 -15.64
N ASP B 304 9.76 0.93 -15.48
CA ASP B 304 10.10 0.33 -14.17
C ASP B 304 11.38 0.96 -13.62
N LEU B 305 11.39 1.21 -12.32
CA LEU B 305 12.63 1.61 -11.67
C LEU B 305 13.33 0.31 -11.29
N LEU B 306 14.59 0.18 -11.67
CA LEU B 306 15.30 -1.09 -11.53
C LEU B 306 16.01 -1.21 -10.19
N ALA B 307 16.15 -2.44 -9.73
CA ALA B 307 16.68 -2.73 -8.38
C ALA B 307 18.08 -2.24 -8.14
N SER B 308 18.89 -2.26 -9.17
CA SER B 308 20.25 -1.74 -9.04
C SER B 308 20.76 -1.59 -10.46
N PRO B 309 21.94 -0.96 -10.65
CA PRO B 309 22.50 -0.89 -12.02
C PRO B 309 22.76 -2.29 -12.58
N LYS B 310 22.78 -3.29 -11.69
CA LYS B 310 23.10 -4.64 -12.13
C LYS B 310 21.93 -5.16 -12.96
N GLU B 311 20.77 -4.54 -12.74
CA GLU B 311 19.54 -4.85 -13.49
C GLU B 311 19.60 -4.42 -14.96
C1 ECH C . -5.33 -20.30 -3.17
C2 ECH C . -4.48 -19.96 -4.38
C3 ECH C . -5.09 -18.83 -5.20
C4 ECH C . -5.28 -17.56 -4.38
C5 ECH C . -5.78 -17.79 -2.94
C6 ECH C . -5.78 -19.05 -2.39
C7 ECH C . -6.24 -19.38 -0.97
C8 ECH C . -5.74 -18.75 0.08
C9 ECH C . -6.34 -19.01 1.47
C10 ECH C . -5.75 -18.37 2.50
C11 ECH C . -6.31 -18.39 3.92
C12 ECH C . -5.63 -17.64 4.82
C13 ECH C . -6.26 -17.40 6.19
C14 ECH C . -5.70 -16.47 6.99
C15 ECH C . -6.34 -16.02 8.31
C16 ECH C . -5.66 -15.06 8.96
C17 ECH C . -6.28 -14.48 10.23
C18 ECH C . -5.66 -13.53 10.96
C19 ECH C . -6.46 -12.91 12.10
C20 ECH C . -5.84 -12.04 12.95
C21 ECH C . -6.74 -11.42 14.01
C22 ECH C . -6.27 -10.56 14.91
C23 ECH C . -7.32 -9.82 15.72
C24 ECH C . -6.91 -8.93 16.60
C25 ECH C . -7.93 -8.04 17.34
C26 ECH C . -7.69 -7.80 18.65
C27 ECH C . -8.47 -6.75 19.40
O27 ECH C . -8.19 -6.51 20.55
C28 ECH C . -9.50 -5.95 18.63
C29 ECH C . -10.01 -6.68 17.40
C30 ECH C . -8.86 -7.15 16.49
C31 ECH C . -4.53 -21.20 -2.27
C32 ECH C . -6.58 -21.08 -3.62
C33 ECH C . -6.15 -16.56 -2.09
C34 ECH C . -7.45 -20.05 1.68
C35 ECH C . -7.37 -18.35 6.66
C36 ECH C . -4.25 -12.94 10.67
C37 ECH C . -4.80 -10.11 14.99
C38 ECH C . -6.79 -8.70 19.50
C39 ECH C . -8.07 -5.92 16.01
C40 ECH C . -9.45 -7.91 15.31
H2 ECH C . -3.49 -19.66 -4.05
H2A ECH C . -4.39 -20.85 -5.02
H3 ECH C . -6.06 -19.15 -5.56
H3A ECH C . -4.45 -18.61 -6.03
H4 ECH C . -4.33 -17.04 -4.33
H4A ECH C . -5.99 -16.92 -4.90
H7 ECH C . -6.99 -20.15 -0.82
H8 ECH C . -4.83 -18.19 -0.01
H10 ECH C . -4.84 -17.82 2.31
H11 ECH C . -7.36 -18.62 4.09
H12 ECH C . -4.79 -17.03 4.49
H14 ECH C . -4.76 -16.01 6.68
H15 ECH C . -7.40 -16.16 8.47
H16 ECH C . -4.80 -14.59 8.51
H17 ECH C . -7.25 -14.82 10.56
H19 ECH C . -7.44 -13.29 12.32
H20 ECH C . -4.93 -11.54 12.65
H21 ECH C . -7.79 -11.67 14.02
H23 ECH C . -8.33 -10.21 15.77
H24 ECH C . -5.86 -8.83 16.81
H28 ECH C . -10.34 -5.74 19.28
H28A ECH C . -9.05 -5.01 18.32
H29 ECH C . -10.59 -7.55 17.71
H29A ECH C . -10.66 -6.03 16.83
H31 ECH C . -5.20 -21.72 -1.60
H31A ECH C . -3.82 -20.61 -1.70
H31B ECH C . -3.99 -21.93 -2.88
H32 ECH C . -7.01 -21.60 -2.77
H32A ECH C . -7.32 -20.39 -4.02
H32B ECH C . -6.31 -21.80 -4.39
H33 ECH C . -7.04 -16.77 -1.50
H33A ECH C . -6.35 -15.70 -2.75
H33B ECH C . -5.33 -16.31 -1.42
H34 ECH C . -7.23 -20.93 1.09
H34A ECH C . -7.51 -20.32 2.72
H34B ECH C . -8.41 -19.62 1.36
H35 ECH C . -8.32 -17.98 6.31
H35A ECH C . -7.19 -19.34 6.24
H35B ECH C . -7.37 -18.40 7.74
H36 ECH C . -3.66 -12.92 11.59
H36A ECH C . -4.36 -11.92 10.29
H36B ECH C . -3.75 -13.55 9.94
H37 ECH C . -4.18 -10.81 14.44
H37A ECH C . -4.69 -9.12 14.58
H37B ECH C . -4.48 -10.11 16.03
H38 ECH C . -7.05 -8.59 20.54
H38A ECH C . -5.76 -8.41 19.34
H38B ECH C . -6.93 -9.73 19.19
H39 ECH C . -7.55 -6.17 15.09
H39A ECH C . -7.34 -5.64 16.77
H39B ECH C . -8.75 -5.10 15.83
H40 ECH C . -10.26 -7.33 14.87
H40A ECH C . -8.70 -8.08 14.56
H40B ECH C . -9.85 -8.86 15.65
C1 GOL D . -13.14 -19.49 11.13
O1 GOL D . -13.86 -19.36 12.35
C2 GOL D . -14.13 -19.78 10.00
O2 GOL D . -14.90 -20.92 10.37
C3 GOL D . -15.01 -18.55 9.85
O3 GOL D . -15.97 -18.73 8.80
H11 GOL D . -12.42 -20.30 11.21
H12 GOL D . -12.59 -18.57 10.92
HO1 GOL D . -13.22 -19.24 13.09
H2 GOL D . -13.58 -19.96 9.07
HO2 GOL D . -15.36 -20.73 11.22
H31 GOL D . -14.40 -17.67 9.63
H32 GOL D . -15.54 -18.37 10.79
HO3 GOL D . -16.85 -18.86 9.19
C1 GOL E . -10.27 -12.49 9.66
O1 GOL E . -10.72 -13.66 10.34
C2 GOL E . -10.63 -11.25 10.46
O2 GOL E . -12.08 -11.16 10.49
C3 GOL E . -10.00 -10.00 9.82
O3 GOL E . -10.29 -8.86 10.64
H11 GOL E . -10.74 -12.44 8.67
H12 GOL E . -9.18 -12.53 9.52
HO1 GOL E . -10.54 -14.45 9.79
H2 GOL E . -10.24 -11.36 11.47
HO2 GOL E . -12.34 -10.37 11.01
H31 GOL E . -10.42 -9.85 8.82
H32 GOL E . -8.93 -10.13 9.72
HO3 GOL E . -10.12 -8.04 10.13
C1 GOL F . -5.08 -7.51 10.94
C1 GOL F . -5.47 -6.98 10.46
O1 GOL F . -4.45 -8.66 11.46
O1 GOL F . -5.66 -5.59 10.52
C2 GOL F . -6.60 -7.63 10.89
C2 GOL F . -6.71 -7.76 10.89
O2 GOL F . -7.09 -7.14 9.66
O2 GOL F . -6.54 -8.32 12.17
C3 GOL F . -7.20 -6.75 11.98
C3 GOL F . -7.93 -6.85 10.87
O3 GOL F . -8.60 -6.72 11.81
O3 GOL F . -8.84 -7.33 11.84
C1 ECH G . 9.98 18.92 4.37
C2 ECH G . 9.68 18.32 5.73
C3 ECH G . 8.20 18.13 5.94
C4 ECH G . 7.55 17.20 4.90
C5 ECH G . 8.09 17.42 3.46
C6 ECH G . 9.19 18.22 3.24
C7 ECH G . 9.76 18.51 1.84
C8 ECH G . 10.09 17.51 1.05
C9 ECH G . 10.53 17.82 -0.37
C10 ECH G . 10.78 16.78 -1.19
C11 ECH G . 11.13 16.96 -2.68
C12 ECH G . 11.35 15.80 -3.34
C13 ECH G . 11.40 15.78 -4.87
C14 ECH G . 11.46 14.58 -5.48
C15 ECH G . 11.32 14.47 -7.00
C16 ECH G . 11.33 13.22 -7.46
C17 ECH G . 11.12 12.99 -8.95
C18 ECH G . 11.07 11.75 -9.48
C19 ECH G . 10.74 11.70 -10.98
C20 ECH G . 10.83 10.51 -11.62
C21 ECH G . 10.31 10.49 -13.05
C22 ECH G . 10.44 9.40 -13.84
C23 ECH G . 9.65 9.46 -15.13
C24 ECH G . 9.64 8.39 -15.92
C25 ECH G . 8.75 8.34 -17.16
C26 ECH G . 9.25 7.72 -18.26
C27 ECH G . 8.43 7.40 -19.47
O27 ECH G . 8.94 6.81 -20.40
C28 ECH G . 6.96 7.76 -19.41
C29 ECH G . 6.61 8.82 -18.36
C30 ECH G . 7.23 8.52 -16.99
C31 ECH G . 11.47 18.80 4.11
C32 ECH G . 9.57 20.40 4.39
C33 ECH G . 7.36 16.71 2.34
C34 ECH G . 10.64 19.27 -0.82
C35 ECH G . 11.70 17.09 -5.56
C36 ECH G . 11.39 10.46 -8.72
C37 ECH G . 11.05 8.07 -13.34
C38 ECH G . 10.76 7.60 -18.43
C39 ECH G . 6.61 7.22 -16.47
C40 ECH G . 6.91 9.69 -16.03
H2 ECH G . 10.18 17.36 5.81
H2A ECH G . 10.07 18.98 6.50
H3 ECH G . 7.71 19.10 5.88
H3A ECH G . 8.02 17.70 6.92
H4 ECH G . 7.74 16.17 5.19
H4A ECH G . 6.48 17.38 4.91
H7 ECH G . 9.89 19.52 1.51
H8 ECH G . 9.83 16.49 1.33
H10 ECH G . 10.75 15.77 -0.78
H11 ECH G . 10.77 17.83 -3.21
H12 ECH G . 11.49 14.87 -2.78
H14 ECH G . 11.61 13.68 -4.89
H15 ECH G . 10.80 15.24 -7.55
H16 ECH G . 11.27 12.38 -6.77
H17 ECH G . 11.02 13.85 -9.60
H19 ECH G . 10.61 12.61 -11.54
H20 ECH G . 10.91 9.59 -11.05
H21 ECH G . 9.82 11.36 -13.44
H23 ECH G . 9.32 10.42 -15.52
H24 ECH G . 10.27 7.54 -15.69
H28 ECH G . 6.40 6.86 -19.20
H28A ECH G . 6.66 8.14 -20.38
H29 ECH G . 5.54 8.86 -18.25
H29A ECH G . 6.97 9.78 -18.69
H31 ECH G . 11.75 19.50 3.33
H31A ECH G . 12.00 19.05 5.03
H31B ECH G . 11.71 17.79 3.82
H32 ECH G . 9.87 20.85 5.33
H32A ECH G . 8.50 20.48 4.28
H32B ECH G . 10.05 20.92 3.56
H33 ECH G . 6.35 16.44 2.66
H33A ECH G . 7.31 17.36 1.47
H33B ECH G . 7.90 15.79 2.07
H34 ECH G . 9.66 19.68 -1.00
H34A ECH G . 11.22 19.33 -1.74
H34B ECH G . 11.14 19.85 -0.04
H35 ECH G . 12.28 17.72 -4.90
H35A ECH G . 12.26 16.91 -6.47
H35B ECH G . 10.77 17.60 -5.81
H36 ECH G . 12.42 10.17 -8.92
H36A ECH G . 11.26 10.62 -7.65
H36B ECH G . 10.72 9.66 -9.05
H37 ECH G . 11.72 8.27 -12.50
H37A ECH G . 10.25 7.41 -13.02
H37B ECH G . 11.60 7.60 -14.15
H38 ECH G . 11.00 7.49 -19.48
H38A ECH G . 11.24 8.50 -18.05
H38B ECH G . 11.12 6.74 -17.88
H39 ECH G . 6.77 7.14 -15.40
H39A ECH G . 5.54 7.22 -16.68
H39B ECH G . 7.08 6.38 -16.96
H40 ECH G . 7.49 10.56 -16.33
H40A ECH G . 7.17 9.41 -15.02
H40B ECH G . 5.86 9.93 -16.09
C1 GOL H . 8.77 22.00 -11.71
O1 GOL H . 7.95 22.96 -11.06
C2 GOL H . 10.19 22.17 -11.18
O2 GOL H . 10.68 23.46 -11.54
C3 GOL H . 11.09 21.08 -11.77
O3 GOL H . 11.18 21.24 -13.18
H11 GOL H . 8.76 22.17 -12.79
H12 GOL H . 8.42 20.99 -11.50
HO1 GOL H . 7.04 22.92 -11.44
H2 GOL H . 10.17 22.07 -10.09
HO2 GOL H . 11.60 23.56 -11.20
H31 GOL H . 10.68 20.10 -11.54
H32 GOL H . 12.09 21.15 -11.33
HO3 GOL H . 10.80 22.11 -13.43
C1 GOL I . 5.70 12.56 -11.15
O1 GOL I . 5.07 11.86 -12.24
C2 GOL I . 6.51 13.72 -11.73
O2 GOL I . 5.63 14.66 -12.38
C3 GOL I . 7.19 14.50 -10.60
O3 GOL I . 8.06 15.48 -11.16
H11 GOL I . 6.36 11.87 -10.62
H12 GOL I . 4.95 12.93 -10.46
HO1 GOL I . 4.59 11.07 -11.90
H2 GOL I . 7.27 13.35 -12.42
HO2 GOL I . 4.98 15.00 -11.72
H31 GOL I . 7.75 13.82 -9.97
H32 GOL I . 6.42 14.98 -9.99
HO3 GOL I . 7.68 15.81 -12.00
C1 GOL J . 5.15 8.77 -11.43
C1 GOL J . 7.52 7.40 -10.95
O1 GOL J . 5.16 9.15 -12.78
O1 GOL J . 8.75 7.33 -10.29
C2 GOL J . 6.57 8.38 -11.06
C2 GOL J . 6.43 7.83 -9.97
O2 GOL J . 7.37 8.57 -12.20
O2 GOL J . 5.48 8.59 -10.68
C3 GOL J . 6.61 6.92 -10.66
C3 GOL J . 5.75 6.60 -9.37
O3 GOL J . 5.33 6.34 -10.80
O3 GOL J . 6.51 6.04 -8.34
C1 GOL K . 8.57 -7.99 -13.57
C1 GOL K . 8.82 -7.42 -14.38
O1 GOL K . 7.72 -7.49 -14.59
O1 GOL K . 8.69 -6.98 -15.72
C2 GOL K . 9.11 -6.83 -12.73
C2 GOL K . 8.04 -8.71 -14.13
O2 GOL K . 9.03 -5.69 -13.57
O2 GOL K . 7.09 -8.94 -15.16
C3 GOL K . 8.20 -6.64 -11.51
C3 GOL K . 7.38 -8.71 -12.75
O3 GOL K . 7.45 -7.80 -11.13
O3 GOL K . 7.41 -10.01 -12.20
#